data_4B2O
#
_entry.id   4B2O
#
_cell.length_a   73.855
_cell.length_b   105.997
_cell.length_c   77.920
_cell.angle_alpha   90.00
_cell.angle_beta   108.30
_cell.angle_gamma   90.00
#
_symmetry.space_group_name_H-M   'P 1 21 1'
#
loop_
_entity.id
_entity.type
_entity.pdbx_description
1 polymer 'YMDB PHOSPHODIESTERASE'
2 non-polymer 'PHOSPHATE ION'
3 non-polymer 'FE (II) ION'
4 water water
#
_entity_poly.entity_id   1
_entity_poly.type   'polypeptide(L)'
_entity_poly.pdbx_seq_one_letter_code
;MRILFIGDVVGSPGRDMVKEYVPKLKTKYKPHFTIINGENAAHGKGLTEKIYHSLIQSGADAITMGNHTWDKKEIFDFID
DVPNLVRPANFPEGTPGKGITYVKANGKELAVINLQGRTFLPPLDDPFLKADELIAEAAKRTPYIFIDFHAEATSEKLAL
GWYTDGRASAVVGTHTHVQTADNRILPKGTAYITDVGMTGPYDGILGMDRETIIKRFKTNLPVRFTVAEGKTTLSGVVID
IDDQTKKAVKIERILINDDHMFFELDPNSSSVDKLAAALEHHHHHH
;
_entity_poly.pdbx_strand_id   A,B,C,D
#
loop_
_chem_comp.id
_chem_comp.type
_chem_comp.name
_chem_comp.formula
FE2 non-polymer 'FE (II) ION' 'Fe 2'
PO4 non-polymer 'PHOSPHATE ION' 'O4 P -3'
#
# COMPACT_ATOMS: atom_id res chain seq x y z
N MET A 1 8.88 -2.51 40.14
CA MET A 1 8.16 -1.27 39.87
C MET A 1 6.90 -1.56 39.03
N ARG A 2 5.93 -0.67 39.13
CA ARG A 2 4.66 -0.86 38.44
C ARG A 2 4.46 0.30 37.47
N ILE A 3 4.04 -0.02 36.25
CA ILE A 3 3.84 0.97 35.20
C ILE A 3 2.38 0.95 34.74
N LEU A 4 1.76 2.11 34.70
CA LEU A 4 0.42 2.27 34.13
C LEU A 4 0.60 2.95 32.78
N PHE A 5 0.08 2.34 31.72
CA PHE A 5 0.16 2.90 30.38
C PHE A 5 -1.24 3.03 29.79
N ILE A 6 -1.53 4.21 29.25
CA ILE A 6 -2.85 4.53 28.70
C ILE A 6 -2.76 4.66 27.18
N GLY A 7 -3.65 3.96 26.46
CA GLY A 7 -3.66 3.95 25.00
C GLY A 7 -4.19 5.21 24.34
N ASP A 8 -3.88 5.36 23.04
CA ASP A 8 -4.13 6.57 22.23
C ASP A 8 -5.30 7.42 22.71
N VAL A 9 -5.00 8.61 23.21
CA VAL A 9 -6.05 9.54 23.62
C VAL A 9 -6.61 10.28 22.40
N VAL A 10 -7.91 10.12 22.16
CA VAL A 10 -8.56 10.70 20.99
C VAL A 10 -9.46 11.89 21.33
N GLY A 11 -8.99 13.09 20.98
CA GLY A 11 -9.78 14.30 21.06
C GLY A 11 -10.24 14.67 22.46
N SER A 12 -11.19 15.58 22.54
CA SER A 12 -11.66 16.02 23.84
C SER A 12 -12.34 14.91 24.66
N PRO A 13 -13.10 14.00 24.02
CA PRO A 13 -13.67 12.93 24.85
C PRO A 13 -12.59 12.07 25.49
N GLY A 14 -11.51 11.80 24.76
CA GLY A 14 -10.38 11.08 25.32
C GLY A 14 -9.75 11.86 26.46
N ARG A 15 -9.56 13.17 26.27
CA ARG A 15 -8.97 13.97 27.33
C ARG A 15 -9.85 13.98 28.58
N ASP A 16 -11.17 13.99 28.37
CA ASP A 16 -12.12 13.98 29.50
C ASP A 16 -12.01 12.67 30.27
N MET A 17 -11.84 11.59 29.52
CA MET A 17 -11.78 10.27 30.10
C MET A 17 -10.50 10.15 30.94
N VAL A 18 -9.40 10.72 30.45
CA VAL A 18 -8.14 10.72 31.17
C VAL A 18 -8.24 11.55 32.45
N LYS A 19 -8.88 12.71 32.34
CA LYS A 19 -9.01 13.61 33.48
C LYS A 19 -9.77 12.93 34.62
N GLU A 20 -10.80 12.18 34.28
CA GLU A 20 -11.57 11.50 35.32
C GLU A 20 -10.89 10.24 35.85
N TYR A 21 -10.41 9.40 34.93
CA TYR A 21 -10.04 8.04 35.33
C TYR A 21 -8.57 7.80 35.61
N VAL A 22 -7.67 8.58 35.03
CA VAL A 22 -6.26 8.35 35.34
C VAL A 22 -5.95 8.58 36.82
N PRO A 23 -6.46 9.66 37.42
CA PRO A 23 -6.32 9.80 38.88
C PRO A 23 -6.92 8.61 39.64
N LYS A 24 -8.09 8.14 39.23
CA LYS A 24 -8.71 6.99 39.91
C LYS A 24 -7.88 5.72 39.73
N LEU A 25 -7.31 5.54 38.55
CA LEU A 25 -6.44 4.39 38.30
C LEU A 25 -5.16 4.47 39.13
N LYS A 26 -4.63 5.67 39.28
CA LYS A 26 -3.42 5.83 40.08
C LYS A 26 -3.70 5.52 41.56
N THR A 27 -4.85 5.96 42.05
CA THR A 27 -5.26 5.63 43.42
C THR A 27 -5.41 4.12 43.61
N LYS A 28 -6.03 3.46 42.62
CA LYS A 28 -6.30 2.03 42.70
C LYS A 28 -5.05 1.17 42.61
N TYR A 29 -4.19 1.48 41.65
CA TYR A 29 -3.05 0.62 41.32
C TYR A 29 -1.73 1.11 41.88
N LYS A 30 -1.67 2.38 42.26
CA LYS A 30 -0.47 3.00 42.80
C LYS A 30 0.78 2.72 41.95
N PRO A 31 0.71 3.08 40.66
CA PRO A 31 1.87 2.81 39.80
C PRO A 31 3.02 3.74 40.15
N HIS A 32 4.25 3.28 39.92
CA HIS A 32 5.41 4.15 40.09
C HIS A 32 5.60 5.07 38.89
N PHE A 33 5.16 4.60 37.73
CA PHE A 33 5.28 5.37 36.49
C PHE A 33 3.97 5.32 35.73
N THR A 34 3.59 6.45 35.14
CA THR A 34 2.41 6.53 34.32
C THR A 34 2.79 7.15 32.97
N ILE A 35 2.38 6.48 31.89
CA ILE A 35 2.71 6.89 30.53
C ILE A 35 1.41 6.94 29.73
N ILE A 36 1.23 7.97 28.93
CA ILE A 36 0.02 8.10 28.12
C ILE A 36 0.41 8.35 26.67
N ASN A 37 -0.19 7.60 25.74
CA ASN A 37 0.00 7.95 24.33
C ASN A 37 -0.97 9.06 23.93
N GLY A 38 -0.43 10.20 23.55
CA GLY A 38 -1.25 11.36 23.22
C GLY A 38 -1.34 11.74 21.75
N GLU A 39 -1.11 10.79 20.84
CA GLU A 39 -0.95 11.16 19.44
C GLU A 39 -2.22 11.70 18.76
N ASN A 40 -3.38 11.43 19.34
CA ASN A 40 -4.62 11.91 18.75
C ASN A 40 -5.31 12.94 19.64
N ALA A 41 -4.57 13.52 20.59
CA ALA A 41 -5.22 14.30 21.64
C ALA A 41 -5.78 15.65 21.19
N ALA A 42 -5.11 16.28 20.23
CA ALA A 42 -5.54 17.59 19.73
C ALA A 42 -6.62 17.44 18.65
N HIS A 43 -7.88 17.38 19.10
CA HIS A 43 -9.02 17.17 18.22
C HIS A 43 -8.82 16.06 17.18
N GLY A 44 -8.27 14.93 17.64
CA GLY A 44 -8.14 13.77 16.79
C GLY A 44 -6.75 13.52 16.21
N LYS A 45 -5.90 14.54 16.23
CA LYS A 45 -4.56 14.35 15.67
C LYS A 45 -3.56 15.40 16.11
N GLY A 46 -2.45 14.93 16.65
CA GLY A 46 -1.39 15.84 17.07
C GLY A 46 -1.58 16.32 18.49
N LEU A 47 -0.83 17.36 18.84
CA LEU A 47 -0.72 17.78 20.22
C LEU A 47 -0.53 19.29 20.30
N THR A 48 -1.08 19.91 21.34
CA THR A 48 -0.79 21.31 21.64
C THR A 48 -0.07 21.40 22.97
N GLU A 49 0.53 22.56 23.25
CA GLU A 49 1.29 22.74 24.47
C GLU A 49 0.39 22.62 25.71
N LYS A 50 -0.77 23.25 25.64
CA LYS A 50 -1.73 23.19 26.75
C LYS A 50 -2.18 21.76 27.01
N ILE A 51 -2.35 20.99 25.95
CA ILE A 51 -2.83 19.62 26.10
C ILE A 51 -1.75 18.74 26.72
N TYR A 52 -0.50 18.94 26.32
CA TYR A 52 0.61 18.25 26.96
C TYR A 52 0.57 18.43 28.48
N HIS A 53 0.54 19.69 28.92
CA HIS A 53 0.52 19.96 30.35
C HIS A 53 -0.73 19.42 31.03
N SER A 54 -1.87 19.44 30.34
CA SER A 54 -3.10 18.91 30.91
C SER A 54 -3.00 17.39 31.12
N LEU A 55 -2.34 16.70 30.20
CA LEU A 55 -2.16 15.26 30.36
C LEU A 55 -1.21 14.96 31.52
N ILE A 56 -0.16 15.74 31.65
CA ILE A 56 0.75 15.61 32.79
C ILE A 56 -0.04 15.87 34.08
N GLN A 57 -0.86 16.91 34.06
CA GLN A 57 -1.63 17.27 35.24
C GLN A 57 -2.58 16.14 35.69
N SER A 58 -3.11 15.40 34.71
CA SER A 58 -4.02 14.30 35.02
C SER A 58 -3.30 13.09 35.62
N GLY A 59 -1.98 13.09 35.56
CA GLY A 59 -1.21 12.04 36.22
C GLY A 59 -0.13 11.39 35.39
N ALA A 60 0.02 11.80 34.14
CA ALA A 60 1.06 11.21 33.29
C ALA A 60 2.44 11.72 33.70
N ASP A 61 3.43 10.82 33.61
CA ASP A 61 4.84 11.16 33.83
C ASP A 61 5.54 11.40 32.49
N ALA A 62 5.06 10.72 31.45
CA ALA A 62 5.61 10.90 30.11
C ALA A 62 4.50 10.69 29.09
N ILE A 63 4.65 11.35 27.95
CA ILE A 63 3.66 11.26 26.87
C ILE A 63 4.38 10.70 25.64
N THR A 64 3.87 9.57 25.13
CA THR A 64 4.36 8.99 23.88
C THR A 64 3.46 9.37 22.69
N MET A 65 3.96 9.19 21.48
CA MET A 65 3.23 9.67 20.30
C MET A 65 3.18 8.64 19.17
N GLY A 66 3.07 9.12 17.94
CA GLY A 66 2.89 8.21 16.82
C GLY A 66 2.89 8.90 15.48
N ASN A 67 2.15 8.36 14.52
CA ASN A 67 2.20 8.88 13.17
C ASN A 67 1.61 10.28 13.01
N HIS A 68 0.74 10.69 13.93
CA HIS A 68 0.14 12.03 13.87
C HIS A 68 0.89 13.10 14.67
N THR A 69 2.09 12.77 15.12
CA THR A 69 2.87 13.69 15.95
C THR A 69 2.90 15.12 15.42
N TRP A 70 3.03 15.26 14.10
CA TRP A 70 3.34 16.55 13.48
C TRP A 70 2.13 17.24 12.87
N ASP A 71 0.95 16.67 13.07
CA ASP A 71 -0.24 17.18 12.38
C ASP A 71 -0.67 18.58 12.78
N LYS A 72 -0.40 18.97 14.03
CA LYS A 72 -0.58 20.35 14.43
C LYS A 72 0.80 20.99 14.47
N LYS A 73 1.06 21.93 13.55
CA LYS A 73 2.42 22.47 13.44
C LYS A 73 2.87 23.28 14.67
N GLU A 74 1.94 23.59 15.57
CA GLU A 74 2.28 24.26 16.83
CA GLU A 74 2.34 24.29 16.78
C GLU A 74 3.30 23.42 17.60
N ILE A 75 3.30 22.11 17.36
CA ILE A 75 4.22 21.26 18.10
C ILE A 75 5.68 21.70 17.93
N PHE A 76 6.01 22.28 16.77
CA PHE A 76 7.39 22.68 16.55
C PHE A 76 7.77 23.87 17.44
N ASP A 77 6.75 24.57 17.93
CA ASP A 77 6.96 25.74 18.79
C ASP A 77 7.25 25.38 20.24
N PHE A 78 6.83 24.18 20.66
CA PHE A 78 6.96 23.80 22.08
C PHE A 78 7.74 22.50 22.35
N ILE A 79 8.07 21.75 21.30
CA ILE A 79 8.72 20.46 21.49
C ILE A 79 10.06 20.56 22.23
N ASP A 80 10.72 21.71 22.16
CA ASP A 80 11.98 21.92 22.88
C ASP A 80 11.79 22.49 24.27
N ASP A 81 10.55 22.75 24.65
CA ASP A 81 10.30 23.37 25.95
C ASP A 81 9.69 22.40 26.94
N VAL A 82 9.13 21.30 26.45
CA VAL A 82 8.53 20.28 27.32
C VAL A 82 9.54 19.18 27.65
N PRO A 83 9.45 18.63 28.87
CA PRO A 83 10.52 17.73 29.33
C PRO A 83 10.35 16.22 29.06
N ASN A 84 9.12 15.73 28.93
CA ASN A 84 8.91 14.29 28.83
C ASN A 84 7.94 13.91 27.71
N LEU A 85 8.12 14.58 26.57
CA LEU A 85 7.39 14.23 25.37
C LEU A 85 8.29 13.36 24.50
N VAL A 86 7.81 12.19 24.13
CA VAL A 86 8.57 11.29 23.27
CA VAL A 86 8.58 11.30 23.27
C VAL A 86 7.83 11.04 21.96
N ARG A 87 8.53 11.18 20.84
CA ARG A 87 7.95 10.87 19.54
C ARG A 87 8.73 9.68 18.96
N PRO A 88 8.23 9.07 17.87
CA PRO A 88 8.93 7.87 17.40
C PRO A 88 10.39 8.14 17.08
N ALA A 89 11.25 7.32 17.69
CA ALA A 89 12.69 7.54 17.63
C ALA A 89 13.22 7.31 16.23
N ASN A 90 12.47 6.58 15.41
CA ASN A 90 12.98 6.26 14.07
C ASN A 90 12.60 7.23 12.94
N PHE A 91 12.05 8.39 13.27
CA PHE A 91 12.07 9.48 12.30
C PHE A 91 13.53 9.82 12.03
N PRO A 92 13.85 10.33 10.83
CA PRO A 92 15.24 10.56 10.41
C PRO A 92 16.03 11.46 11.36
N GLU A 93 17.34 11.25 11.41
CA GLU A 93 18.22 12.16 12.16
C GLU A 93 17.89 13.59 11.75
N GLY A 94 17.83 14.50 12.74
CA GLY A 94 17.50 15.89 12.47
C GLY A 94 16.06 16.23 12.78
N THR A 95 15.25 15.21 13.04
CA THR A 95 13.86 15.47 13.39
C THR A 95 13.81 16.16 14.75
N PRO A 96 12.95 17.18 14.90
CA PRO A 96 12.75 17.81 16.22
C PRO A 96 12.34 16.81 17.32
N GLY A 97 12.57 17.18 18.57
CA GLY A 97 12.19 16.32 19.68
C GLY A 97 13.11 15.13 19.89
N LYS A 98 12.60 14.11 20.58
CA LYS A 98 13.43 12.98 20.96
C LYS A 98 12.61 11.70 21.01
N GLY A 99 13.29 10.56 20.94
CA GLY A 99 12.66 9.25 20.89
C GLY A 99 12.80 8.46 22.17
N ILE A 100 13.46 9.04 23.17
CA ILE A 100 13.64 8.40 24.46
C ILE A 100 13.67 9.45 25.57
N THR A 101 13.07 9.13 26.70
CA THR A 101 13.14 9.99 27.89
C THR A 101 13.27 9.11 29.13
N TYR A 102 13.75 9.69 30.23
CA TYR A 102 13.92 8.93 31.47
C TYR A 102 13.13 9.61 32.58
N VAL A 103 12.34 8.81 33.29
CA VAL A 103 11.62 9.33 34.45
C VAL A 103 12.07 8.51 35.67
N LYS A 104 12.01 9.11 36.86
CA LYS A 104 12.52 8.43 38.03
C LYS A 104 11.48 8.37 39.14
N ALA A 105 11.40 7.22 39.79
CA ALA A 105 10.48 7.01 40.91
C ALA A 105 11.00 5.93 41.84
N ASN A 106 10.85 6.17 43.15
CA ASN A 106 11.33 5.25 44.18
C ASN A 106 12.76 4.77 43.93
N GLY A 107 13.62 5.69 43.51
CA GLY A 107 15.04 5.41 43.36
C GLY A 107 15.45 4.76 42.05
N LYS A 108 14.49 4.48 41.18
CA LYS A 108 14.81 3.77 39.94
C LYS A 108 14.34 4.56 38.72
N GLU A 109 15.17 4.57 37.67
CA GLU A 109 14.79 5.23 36.42
C GLU A 109 14.15 4.27 35.43
N LEU A 110 13.11 4.74 34.76
CA LEU A 110 12.48 4.04 33.65
C LEU A 110 12.83 4.76 32.36
N ALA A 111 13.43 4.04 31.41
CA ALA A 111 13.65 4.59 30.09
C ALA A 111 12.37 4.37 29.28
N VAL A 112 11.87 5.42 28.64
CA VAL A 112 10.64 5.33 27.87
C VAL A 112 10.95 5.65 26.41
N ILE A 113 10.74 4.67 25.54
CA ILE A 113 11.10 4.75 24.14
C ILE A 113 9.85 4.66 23.28
N ASN A 114 9.76 5.47 22.24
CA ASN A 114 8.65 5.43 21.28
C ASN A 114 9.26 5.05 19.92
N LEU A 115 8.63 4.11 19.22
CA LEU A 115 9.05 3.71 17.88
C LEU A 115 7.82 3.61 16.99
N GLN A 116 8.00 3.71 15.68
CA GLN A 116 6.86 3.61 14.77
C GLN A 116 7.10 2.52 13.73
N GLY A 117 6.08 1.69 13.50
CA GLY A 117 6.18 0.62 12.53
C GLY A 117 6.18 1.14 11.10
N ARG A 118 6.60 0.30 10.16
CA ARG A 118 6.66 0.73 8.76
C ARG A 118 5.68 0.02 7.83
N THR A 119 5.21 -1.15 8.22
CA THR A 119 4.21 -1.85 7.39
C THR A 119 2.92 -1.05 7.34
N PHE A 120 2.47 -0.73 6.13
CA PHE A 120 1.26 0.07 5.94
C PHE A 120 1.41 1.51 6.44
N LEU A 121 2.66 1.93 6.65
CA LEU A 121 2.95 3.26 7.18
C LEU A 121 4.12 3.86 6.40
N PRO A 122 4.48 5.12 6.67
CA PRO A 122 5.57 5.76 5.93
C PRO A 122 6.90 5.06 6.14
N PRO A 123 7.82 5.17 5.17
CA PRO A 123 9.13 4.50 5.28
C PRO A 123 10.13 5.26 6.17
N LEU A 124 9.92 5.18 7.48
CA LEU A 124 10.87 5.74 8.42
C LEU A 124 12.13 4.88 8.46
N ASP A 125 13.07 5.23 9.33
CA ASP A 125 14.22 4.37 9.56
C ASP A 125 13.76 3.06 10.20
N ASP A 126 14.59 2.02 10.11
CA ASP A 126 14.20 0.70 10.61
C ASP A 126 14.02 0.71 12.13
N PRO A 127 12.81 0.36 12.60
CA PRO A 127 12.60 0.40 14.05
C PRO A 127 13.33 -0.72 14.80
N PHE A 128 13.67 -1.81 14.11
CA PHE A 128 14.38 -2.91 14.76
C PHE A 128 15.80 -2.52 15.14
N LEU A 129 16.54 -1.96 14.19
CA LEU A 129 17.88 -1.50 14.49
C LEU A 129 17.86 -0.30 15.45
N LYS A 130 16.86 0.56 15.30
CA LYS A 130 16.72 1.68 16.23
C LYS A 130 16.47 1.21 17.66
N ALA A 131 15.66 0.16 17.81
CA ALA A 131 15.42 -0.43 19.13
C ALA A 131 16.73 -0.95 19.72
N ASP A 132 17.53 -1.64 18.90
CA ASP A 132 18.83 -2.12 19.36
C ASP A 132 19.68 -0.99 19.89
N GLU A 133 19.74 0.11 19.14
CA GLU A 133 20.55 1.26 19.50
CA GLU A 133 20.56 1.24 19.51
C GLU A 133 20.07 1.86 20.83
N LEU A 134 18.77 2.08 20.94
CA LEU A 134 18.22 2.72 22.14
C LEU A 134 18.24 1.81 23.37
N ILE A 135 17.99 0.53 23.17
CA ILE A 135 18.06 -0.41 24.29
C ILE A 135 19.48 -0.42 24.85
N ALA A 136 20.48 -0.52 23.97
CA ALA A 136 21.88 -0.56 24.38
C ALA A 136 22.26 0.71 25.14
N GLU A 137 21.80 1.85 24.63
CA GLU A 137 22.09 3.13 25.26
C GLU A 137 21.42 3.24 26.63
N ALA A 138 20.13 2.90 26.69
CA ALA A 138 19.41 2.96 27.94
C ALA A 138 19.99 2.00 28.98
N ALA A 139 20.43 0.83 28.54
CA ALA A 139 20.88 -0.21 29.47
C ALA A 139 22.15 0.21 30.21
N LYS A 140 22.92 1.12 29.63
CA LYS A 140 24.11 1.65 30.30
C LYS A 140 23.70 2.41 31.55
N ARG A 141 22.44 2.82 31.59
CA ARG A 141 21.95 3.75 32.58
C ARG A 141 20.89 3.15 33.52
N THR A 142 20.02 2.29 32.97
CA THR A 142 19.00 1.62 33.76
C THR A 142 18.57 0.31 33.09
N PRO A 143 18.21 -0.71 33.90
CA PRO A 143 17.73 -1.98 33.34
C PRO A 143 16.21 -1.96 33.10
N TYR A 144 15.58 -0.84 33.44
CA TYR A 144 14.14 -0.73 33.27
C TYR A 144 13.82 0.04 31.99
N ILE A 145 13.32 -0.67 30.98
CA ILE A 145 13.22 -0.15 29.64
C ILE A 145 11.85 -0.46 29.04
N PHE A 146 11.12 0.60 28.68
CA PHE A 146 9.74 0.50 28.20
C PHE A 146 9.65 1.01 26.77
N ILE A 147 9.01 0.24 25.91
CA ILE A 147 8.81 0.65 24.52
C ILE A 147 7.33 0.70 24.16
N ASP A 148 6.91 1.84 23.61
CA ASP A 148 5.60 2.00 23.00
C ASP A 148 5.82 1.95 21.49
N PHE A 149 5.41 0.85 20.88
CA PHE A 149 5.61 0.65 19.44
C PHE A 149 4.31 0.95 18.71
N HIS A 150 4.31 2.05 17.97
CA HIS A 150 3.11 2.53 17.28
C HIS A 150 3.11 1.94 15.87
N ALA A 151 2.29 0.92 15.64
CA ALA A 151 2.36 0.22 14.37
C ALA A 151 1.02 -0.38 13.98
N GLU A 152 0.89 -0.68 12.70
CA GLU A 152 -0.34 -1.25 12.17
C GLU A 152 -0.34 -2.78 12.13
N ALA A 153 0.74 -3.36 11.61
CA ALA A 153 0.76 -4.79 11.32
C ALA A 153 1.03 -5.63 12.56
N THR A 154 0.18 -6.59 12.85
CA THR A 154 0.41 -7.49 13.98
C THR A 154 1.73 -8.24 13.84
N SER A 155 2.11 -8.59 12.61
CA SER A 155 3.37 -9.29 12.39
C SER A 155 4.55 -8.45 12.86
N GLU A 156 4.50 -7.15 12.55
CA GLU A 156 5.61 -6.27 12.90
C GLU A 156 5.69 -6.06 14.42
N LYS A 157 4.53 -5.92 15.06
CA LYS A 157 4.49 -5.75 16.50
C LYS A 157 5.02 -6.97 17.26
N LEU A 158 4.52 -8.14 16.89
CA LEU A 158 5.00 -9.36 17.54
C LEU A 158 6.49 -9.60 17.26
N ALA A 159 6.93 -9.28 16.05
CA ALA A 159 8.34 -9.46 15.72
C ALA A 159 9.21 -8.60 16.64
N LEU A 160 8.82 -7.36 16.86
CA LEU A 160 9.61 -6.49 17.74
C LEU A 160 9.62 -6.96 19.19
N GLY A 161 8.45 -7.40 19.67
CA GLY A 161 8.33 -7.95 21.02
C GLY A 161 9.28 -9.11 21.22
N TRP A 162 9.19 -10.09 20.33
CA TRP A 162 10.07 -11.26 20.44
C TRP A 162 11.52 -10.87 20.24
N TYR A 163 11.78 -9.98 19.29
CA TYR A 163 13.15 -9.57 18.99
C TYR A 163 13.84 -8.96 20.21
N THR A 164 13.10 -8.21 21.00
CA THR A 164 13.69 -7.51 22.14
C THR A 164 13.46 -8.23 23.48
N ASP A 165 12.92 -9.45 23.43
CA ASP A 165 12.67 -10.22 24.65
C ASP A 165 13.94 -10.35 25.47
N GLY A 166 13.84 -10.01 26.75
CA GLY A 166 14.97 -10.07 27.68
C GLY A 166 15.87 -8.85 27.63
N ARG A 167 15.56 -7.91 26.75
CA ARG A 167 16.38 -6.70 26.60
C ARG A 167 15.56 -5.47 26.94
N ALA A 168 14.34 -5.42 26.45
CA ALA A 168 13.37 -4.44 26.92
C ALA A 168 12.60 -5.09 28.07
N SER A 169 12.16 -4.29 29.04
CA SER A 169 11.36 -4.78 30.15
C SER A 169 9.92 -5.02 29.68
N ALA A 170 9.46 -4.16 28.78
CA ALA A 170 8.09 -4.25 28.29
C ALA A 170 7.99 -3.61 26.92
N VAL A 171 7.17 -4.22 26.07
CA VAL A 171 6.89 -3.66 24.75
C VAL A 171 5.38 -3.66 24.60
N VAL A 172 4.80 -2.48 24.39
CA VAL A 172 3.36 -2.42 24.20
C VAL A 172 3.09 -1.80 22.86
N GLY A 173 2.07 -2.31 22.19
CA GLY A 173 1.70 -1.75 20.91
C GLY A 173 0.61 -0.71 21.02
N THR A 174 0.67 0.26 20.13
CA THR A 174 -0.42 1.23 19.92
C THR A 174 -0.66 1.41 18.42
N HIS A 175 -1.73 2.13 18.10
CA HIS A 175 -2.05 2.67 16.76
C HIS A 175 -3.37 2.19 16.19
N THR A 176 -3.74 0.93 16.43
CA THR A 176 -4.95 0.41 15.78
C THR A 176 -6.23 0.76 16.52
N HIS A 177 -6.10 1.32 17.72
CA HIS A 177 -7.26 1.76 18.52
C HIS A 177 -8.21 0.65 18.96
N VAL A 178 -7.73 -0.59 18.95
CA VAL A 178 -8.50 -1.72 19.48
C VAL A 178 -7.60 -2.54 20.38
N GLN A 179 -8.00 -2.73 21.63
CA GLN A 179 -7.18 -3.48 22.56
C GLN A 179 -7.15 -4.96 22.21
N THR A 180 -5.97 -5.57 22.29
CA THR A 180 -5.84 -7.00 22.03
C THR A 180 -5.86 -7.79 23.33
N ALA A 181 -6.11 -9.09 23.23
CA ALA A 181 -6.29 -9.94 24.40
C ALA A 181 -5.06 -10.79 24.65
N ASP A 182 -3.97 -10.48 23.94
CA ASP A 182 -2.80 -11.33 23.96
C ASP A 182 -1.71 -10.85 24.91
N ASN A 183 -2.10 -10.11 25.94
CA ASN A 183 -1.13 -9.69 26.97
C ASN A 183 -0.48 -10.92 27.61
N ARG A 184 0.84 -10.92 27.66
CA ARG A 184 1.60 -12.05 28.17
C ARG A 184 3.01 -11.64 28.54
N ILE A 185 3.71 -12.54 29.22
CA ILE A 185 5.13 -12.34 29.51
C ILE A 185 5.91 -13.33 28.63
N LEU A 186 6.78 -12.79 27.79
CA LEU A 186 7.53 -13.61 26.87
C LEU A 186 8.60 -14.40 27.63
N PRO A 187 9.20 -15.41 26.99
CA PRO A 187 10.03 -16.35 27.75
C PRO A 187 11.21 -15.74 28.50
N LYS A 188 11.81 -14.67 27.97
CA LYS A 188 12.95 -14.06 28.66
C LYS A 188 12.53 -12.96 29.62
N GLY A 189 11.22 -12.81 29.84
CA GLY A 189 10.73 -11.91 30.87
C GLY A 189 10.19 -10.56 30.41
N THR A 190 10.05 -10.36 29.10
CA THR A 190 9.52 -9.10 28.60
C THR A 190 7.98 -9.10 28.57
N ALA A 191 7.35 -8.11 29.22
CA ALA A 191 5.90 -7.96 29.13
C ALA A 191 5.54 -7.50 27.73
N TYR A 192 4.47 -8.06 27.18
CA TYR A 192 4.10 -7.75 25.81
C TYR A 192 2.58 -7.70 25.62
N ILE A 193 2.11 -6.75 24.80
CA ILE A 193 0.73 -6.78 24.30
C ILE A 193 0.72 -6.14 22.91
N THR A 194 -0.07 -6.71 21.98
CA THR A 194 -0.06 -6.23 20.59
C THR A 194 -0.66 -4.84 20.42
N ASP A 195 -1.79 -4.56 21.07
CA ASP A 195 -2.28 -3.19 21.08
C ASP A 195 -3.05 -2.91 22.37
N VAL A 196 -2.71 -1.78 23.00
CA VAL A 196 -3.36 -1.38 24.23
C VAL A 196 -4.77 -0.87 23.98
N GLY A 197 -4.99 -0.35 22.77
CA GLY A 197 -6.29 0.22 22.44
C GLY A 197 -6.32 1.73 22.55
N MET A 198 -7.53 2.30 22.58
CA MET A 198 -7.67 3.75 22.58
C MET A 198 -8.46 4.26 23.77
N THR A 199 -8.34 5.55 24.01
CA THR A 199 -9.06 6.23 25.08
C THR A 199 -9.79 7.41 24.43
N GLY A 200 -11.12 7.38 24.46
CA GLY A 200 -11.91 8.33 23.68
C GLY A 200 -13.30 7.82 23.39
N PRO A 201 -13.92 8.26 22.29
CA PRO A 201 -15.29 7.78 22.01
C PRO A 201 -15.35 6.25 21.88
N TYR A 202 -16.39 5.64 22.45
CA TYR A 202 -16.53 4.19 22.48
C TYR A 202 -17.35 3.71 21.30
N ASP A 203 -18.30 4.53 20.87
CA ASP A 203 -19.24 4.16 19.82
C ASP A 203 -19.07 4.94 18.53
N GLY A 204 -17.83 5.37 18.27
CA GLY A 204 -17.46 5.83 16.94
C GLY A 204 -16.80 4.66 16.22
N ILE A 205 -16.04 4.97 15.19
CA ILE A 205 -15.18 3.98 14.57
C ILE A 205 -13.76 4.45 14.84
N LEU A 206 -13.11 3.80 15.80
CA LEU A 206 -11.77 4.16 16.25
C LEU A 206 -11.74 5.61 16.73
N GLY A 207 -12.87 6.09 17.22
CA GLY A 207 -12.93 7.44 17.77
C GLY A 207 -13.57 8.44 16.83
N MET A 208 -13.76 8.04 15.57
CA MET A 208 -14.30 8.92 14.53
C MET A 208 -15.81 8.74 14.39
N ASP A 209 -16.49 9.79 13.94
CA ASP A 209 -17.93 9.72 13.77
C ASP A 209 -18.31 8.54 12.85
N ARG A 210 -19.25 7.68 13.29
CA ARG A 210 -19.59 6.47 12.55
C ARG A 210 -20.08 6.71 11.13
N GLU A 211 -21.03 7.63 10.99
CA GLU A 211 -21.65 7.94 9.70
CA GLU A 211 -21.62 7.85 9.68
C GLU A 211 -20.60 8.34 8.66
N THR A 212 -19.66 9.19 9.07
CA THR A 212 -18.64 9.67 8.14
C THR A 212 -17.77 8.51 7.66
N ILE A 213 -17.34 7.67 8.60
CA ILE A 213 -16.44 6.58 8.24
C ILE A 213 -17.16 5.54 7.35
N ILE A 214 -18.39 5.21 7.69
CA ILE A 214 -19.15 4.25 6.90
C ILE A 214 -19.40 4.79 5.49
N LYS A 215 -19.74 6.07 5.41
CA LYS A 215 -19.93 6.74 4.12
C LYS A 215 -18.68 6.65 3.27
N ARG A 216 -17.51 6.88 3.87
CA ARG A 216 -16.28 6.80 3.09
C ARG A 216 -16.04 5.39 2.54
N PHE A 217 -16.28 4.37 3.36
CA PHE A 217 -16.14 3.00 2.88
C PHE A 217 -17.10 2.70 1.73
N LYS A 218 -18.33 3.19 1.82
CA LYS A 218 -19.35 2.84 0.83
C LYS A 218 -19.25 3.64 -0.47
N THR A 219 -18.73 4.86 -0.38
CA THR A 219 -18.77 5.76 -1.52
C THR A 219 -17.40 6.00 -2.16
N ASN A 220 -16.33 5.74 -1.41
CA ASN A 220 -14.98 6.09 -1.84
C ASN A 220 -14.80 7.60 -2.07
N LEU A 221 -15.71 8.40 -1.52
CA LEU A 221 -15.62 9.86 -1.62
C LEU A 221 -15.02 10.42 -0.34
N PRO A 222 -14.40 11.60 -0.43
CA PRO A 222 -13.85 12.23 0.77
C PRO A 222 -14.94 12.58 1.79
N VAL A 223 -14.59 12.54 3.07
CA VAL A 223 -15.51 12.97 4.11
C VAL A 223 -14.78 13.91 5.06
N ARG A 224 -15.54 14.76 5.74
CA ARG A 224 -14.96 15.66 6.75
C ARG A 224 -14.34 14.83 7.87
N PHE A 225 -13.21 15.31 8.40
CA PHE A 225 -12.59 14.70 9.56
C PHE A 225 -13.41 15.08 10.79
N THR A 226 -14.05 14.11 11.42
CA THR A 226 -15.03 14.37 12.47
C THR A 226 -14.90 13.38 13.62
N VAL A 227 -14.41 13.86 14.77
CA VAL A 227 -14.29 13.02 15.96
C VAL A 227 -15.68 12.72 16.54
N ALA A 228 -15.90 11.49 17.00
CA ALA A 228 -17.23 11.12 17.50
C ALA A 228 -17.52 11.80 18.84
N GLU A 229 -18.81 11.88 19.16
CA GLU A 229 -19.28 12.38 20.44
C GLU A 229 -20.24 11.35 21.02
N GLY A 230 -20.20 11.16 22.33
CA GLY A 230 -21.10 10.20 22.97
C GLY A 230 -20.42 9.42 24.07
N LYS A 231 -20.73 8.14 24.17
CA LYS A 231 -20.12 7.26 25.18
C LYS A 231 -18.60 7.25 25.04
N THR A 232 -17.91 7.02 26.14
CA THR A 232 -16.45 7.04 26.11
C THR A 232 -15.85 5.76 26.67
N THR A 233 -14.59 5.56 26.35
CA THR A 233 -13.88 4.36 26.79
C THR A 233 -12.44 4.74 27.14
N LEU A 234 -11.82 3.95 28.01
CA LEU A 234 -10.38 4.08 28.27
C LEU A 234 -9.76 2.71 28.21
N SER A 235 -8.59 2.63 27.59
CA SER A 235 -7.87 1.39 27.44
C SER A 235 -6.47 1.59 27.98
N GLY A 236 -5.96 0.62 28.72
CA GLY A 236 -4.62 0.73 29.27
C GLY A 236 -4.08 -0.62 29.70
N VAL A 237 -2.87 -0.63 30.23
CA VAL A 237 -2.33 -1.82 30.90
C VAL A 237 -1.60 -1.42 32.17
N VAL A 238 -1.52 -2.37 33.09
CA VAL A 238 -0.71 -2.22 34.29
C VAL A 238 0.33 -3.32 34.27
N ILE A 239 1.59 -2.93 34.32
CA ILE A 239 2.68 -3.88 34.19
C ILE A 239 3.56 -3.87 35.44
N ASP A 240 3.84 -5.05 35.97
CA ASP A 240 4.73 -5.17 37.12
C ASP A 240 6.05 -5.79 36.73
N ILE A 241 7.14 -5.15 37.15
CA ILE A 241 8.49 -5.63 36.92
C ILE A 241 9.09 -5.97 38.28
N ASP A 242 9.69 -7.14 38.39
CA ASP A 242 10.41 -7.55 39.60
C ASP A 242 11.76 -6.84 39.61
N ASP A 243 11.99 -6.01 40.62
CA ASP A 243 13.20 -5.19 40.60
C ASP A 243 14.45 -5.92 41.06
N GLN A 244 14.29 -7.15 41.52
CA GLN A 244 15.43 -8.01 41.77
C GLN A 244 15.87 -8.70 40.47
N THR A 245 14.94 -9.38 39.81
CA THR A 245 15.27 -10.15 38.61
C THR A 245 15.21 -9.33 37.32
N LYS A 246 14.55 -8.17 37.39
CA LYS A 246 14.37 -7.30 36.22
C LYS A 246 13.38 -7.88 35.21
N LYS A 247 12.79 -9.03 35.51
CA LYS A 247 11.80 -9.63 34.63
C LYS A 247 10.42 -9.04 34.93
N ALA A 248 9.59 -8.90 33.91
CA ALA A 248 8.19 -8.56 34.16
C ALA A 248 7.48 -9.76 34.78
N VAL A 249 6.60 -9.51 35.73
CA VAL A 249 5.89 -10.62 36.37
C VAL A 249 4.38 -10.58 36.18
N LYS A 250 3.86 -9.47 35.66
CA LYS A 250 2.43 -9.34 35.44
C LYS A 250 2.13 -8.24 34.43
N ILE A 251 1.18 -8.52 33.55
CA ILE A 251 0.63 -7.48 32.67
C ILE A 251 -0.87 -7.66 32.62
N GLU A 252 -1.59 -6.69 33.16
CA GLU A 252 -3.04 -6.74 33.27
C GLU A 252 -3.66 -5.66 32.40
N ARG A 253 -4.71 -6.02 31.66
CA ARG A 253 -5.41 -5.07 30.82
C ARG A 253 -6.44 -4.25 31.58
N ILE A 254 -6.55 -2.98 31.21
CA ILE A 254 -7.56 -2.11 31.77
C ILE A 254 -8.53 -1.72 30.65
N LEU A 255 -9.82 -1.90 30.88
CA LEU A 255 -10.86 -1.38 30.00
C LEU A 255 -11.91 -0.73 30.88
N ILE A 256 -12.28 0.51 30.55
CA ILE A 256 -13.32 1.21 31.27
C ILE A 256 -14.32 1.77 30.24
N ASN A 257 -15.53 1.22 30.26
CA ASN A 257 -16.61 1.71 29.41
C ASN A 257 -17.90 1.10 29.90
N ASP A 258 -19.01 1.30 29.19
CA ASP A 258 -20.28 0.82 29.71
C ASP A 258 -20.36 -0.71 29.76
N ASP A 259 -19.46 -1.39 29.04
CA ASP A 259 -19.39 -2.84 29.07
C ASP A 259 -18.38 -3.36 30.10
N HIS A 260 -17.61 -2.45 30.67
CA HIS A 260 -16.58 -2.77 31.66
C HIS A 260 -16.51 -1.66 32.68
N MET A 261 -17.45 -1.67 33.63
CA MET A 261 -17.57 -0.56 34.55
C MET A 261 -16.36 -0.51 35.49
N PHE A 262 -16.01 0.69 35.94
CA PHE A 262 -14.85 0.85 36.81
C PHE A 262 -15.23 0.71 38.27
N PHE A 263 -14.42 -0.04 39.01
CA PHE A 263 -14.59 -0.22 40.45
C PHE A 263 -13.33 0.21 41.18
N GLU A 264 -13.49 1.09 42.15
CA GLU A 264 -12.37 1.52 42.99
C GLU A 264 -11.74 0.33 43.70
N MET B 1 -30.03 -19.87 20.25
CA MET B 1 -29.07 -20.51 19.36
C MET B 1 -27.64 -20.12 19.76
N ARG B 2 -26.77 -21.13 19.89
CA ARG B 2 -25.39 -20.89 20.31
C ARG B 2 -24.41 -21.24 19.19
N ILE B 3 -23.46 -20.34 18.96
CA ILE B 3 -22.48 -20.55 17.90
C ILE B 3 -21.10 -20.60 18.52
N LEU B 4 -20.31 -21.59 18.11
CA LEU B 4 -18.90 -21.66 18.46
C LEU B 4 -18.11 -21.39 17.19
N PHE B 5 -17.22 -20.41 17.23
CA PHE B 5 -16.40 -20.07 16.06
C PHE B 5 -14.93 -20.13 16.45
N ILE B 6 -14.12 -20.80 15.62
CA ILE B 6 -12.69 -20.98 15.86
C ILE B 6 -11.88 -20.19 14.83
N GLY B 7 -10.95 -19.37 15.30
CA GLY B 7 -10.16 -18.50 14.43
C GLY B 7 -9.07 -19.21 13.63
N ASP B 8 -8.57 -18.51 12.61
CA ASP B 8 -7.68 -19.04 11.57
C ASP B 8 -6.81 -20.21 12.01
N VAL B 9 -7.08 -21.39 11.45
CA VAL B 9 -6.27 -22.58 11.73
C VAL B 9 -4.98 -22.56 10.93
N VAL B 10 -3.83 -22.59 11.63
CA VAL B 10 -2.54 -22.46 10.95
C VAL B 10 -1.74 -23.75 10.95
N GLY B 11 -1.69 -24.39 9.79
CA GLY B 11 -0.88 -25.58 9.56
C GLY B 11 -1.20 -26.75 10.45
N SER B 12 -0.29 -27.71 10.54
CA SER B 12 -0.54 -28.91 11.34
C SER B 12 -0.68 -28.62 12.84
N PRO B 13 0.10 -27.68 13.38
CA PRO B 13 -0.11 -27.40 14.80
C PRO B 13 -1.53 -26.92 15.07
N GLY B 14 -2.07 -26.09 14.19
CA GLY B 14 -3.45 -25.65 14.35
C GLY B 14 -4.42 -26.81 14.19
N ARG B 15 -4.15 -27.68 13.22
CA ARG B 15 -5.02 -28.84 13.01
C ARG B 15 -5.00 -29.74 14.25
N ASP B 16 -3.83 -29.96 14.83
CA ASP B 16 -3.73 -30.75 16.06
C ASP B 16 -4.51 -30.11 17.20
N MET B 17 -4.44 -28.78 17.29
CA MET B 17 -5.14 -28.07 18.33
C MET B 17 -6.65 -28.22 18.17
N VAL B 18 -7.11 -28.16 16.92
CA VAL B 18 -8.53 -28.35 16.61
C VAL B 18 -8.96 -29.76 16.97
N LYS B 19 -8.18 -30.75 16.54
CA LYS B 19 -8.51 -32.14 16.81
C LYS B 19 -8.71 -32.40 18.31
N GLU B 20 -7.87 -31.80 19.14
CA GLU B 20 -7.97 -32.03 20.58
C GLU B 20 -9.06 -31.21 21.26
N TYR B 21 -9.13 -29.92 20.94
CA TYR B 21 -9.95 -29.03 21.75
C TYR B 21 -11.35 -28.69 21.24
N VAL B 22 -11.59 -28.84 19.94
CA VAL B 22 -12.95 -28.57 19.46
C VAL B 22 -13.97 -29.55 20.06
N PRO B 23 -13.64 -30.86 20.07
CA PRO B 23 -14.57 -31.81 20.71
C PRO B 23 -14.80 -31.44 22.17
N LYS B 24 -13.75 -31.05 22.88
CA LYS B 24 -13.88 -30.63 24.28
C LYS B 24 -14.71 -29.35 24.43
N LEU B 25 -14.49 -28.40 23.53
CA LEU B 25 -15.28 -27.18 23.52
C LEU B 25 -16.75 -27.47 23.25
N LYS B 26 -17.00 -28.42 22.36
CA LYS B 26 -18.37 -28.76 21.99
C LYS B 26 -19.08 -29.44 23.18
N THR B 27 -18.35 -30.31 23.87
CA THR B 27 -18.87 -30.90 25.10
C THR B 27 -19.17 -29.86 26.16
N LYS B 28 -18.24 -28.92 26.34
CA LYS B 28 -18.40 -27.86 27.34
C LYS B 28 -19.56 -26.90 27.03
N TYR B 29 -19.64 -26.43 25.79
CA TYR B 29 -20.60 -25.36 25.46
C TYR B 29 -21.86 -25.80 24.75
N LYS B 30 -21.86 -27.02 24.23
CA LYS B 30 -23.00 -27.55 23.50
C LYS B 30 -23.54 -26.56 22.46
N PRO B 31 -22.69 -26.13 21.53
CA PRO B 31 -23.17 -25.18 20.51
C PRO B 31 -24.05 -25.88 19.47
N HIS B 32 -25.02 -25.15 18.92
CA HIS B 32 -25.81 -25.70 17.82
C HIS B 32 -25.04 -25.64 16.52
N PHE B 33 -24.15 -24.66 16.39
CA PHE B 33 -23.35 -24.51 15.18
C PHE B 33 -21.90 -24.30 15.54
N THR B 34 -21.01 -24.99 14.84
CA THR B 34 -19.57 -24.83 15.01
C THR B 34 -18.95 -24.44 13.67
N ILE B 35 -18.27 -23.30 13.63
CA ILE B 35 -17.67 -22.79 12.41
C ILE B 35 -16.18 -22.60 12.63
N ILE B 36 -15.37 -23.01 11.65
CA ILE B 36 -13.93 -22.87 11.78
C ILE B 36 -13.37 -22.15 10.56
N ASN B 37 -12.54 -21.14 10.78
CA ASN B 37 -11.82 -20.54 9.67
C ASN B 37 -10.58 -21.36 9.34
N GLY B 38 -10.56 -21.94 8.15
CA GLY B 38 -9.46 -22.82 7.76
C GLY B 38 -8.49 -22.27 6.73
N GLU B 39 -8.38 -20.94 6.62
CA GLU B 39 -7.66 -20.38 5.49
C GLU B 39 -6.15 -20.64 5.50
N ASN B 40 -5.59 -21.01 6.65
CA ASN B 40 -4.16 -21.28 6.73
C ASN B 40 -3.88 -22.76 7.03
N ALA B 41 -4.89 -23.61 6.87
CA ALA B 41 -4.80 -24.98 7.39
C ALA B 41 -3.81 -25.88 6.66
N ALA B 42 -3.64 -25.66 5.36
CA ALA B 42 -2.75 -26.49 4.55
C ALA B 42 -1.33 -25.92 4.59
N HIS B 43 -0.54 -26.42 5.53
CA HIS B 43 0.83 -25.94 5.67
C HIS B 43 0.94 -24.42 5.69
N GLY B 44 -0.04 -23.75 6.33
CA GLY B 44 0.03 -22.31 6.50
C GLY B 44 -0.77 -21.48 5.51
N LYS B 45 -1.17 -22.07 4.39
CA LYS B 45 -1.98 -21.33 3.42
C LYS B 45 -2.79 -22.21 2.50
N GLY B 46 -4.10 -21.97 2.50
CA GLY B 46 -4.98 -22.72 1.64
C GLY B 46 -5.54 -23.97 2.28
N LEU B 47 -6.09 -24.86 1.46
CA LEU B 47 -6.83 -25.99 1.99
C LEU B 47 -6.71 -27.18 1.04
N THR B 48 -6.65 -28.38 1.60
CA THR B 48 -6.74 -29.59 0.79
C THR B 48 -8.03 -30.31 1.09
N GLU B 49 -8.37 -31.28 0.25
CA GLU B 49 -9.62 -32.01 0.44
C GLU B 49 -9.57 -32.82 1.73
N LYS B 50 -8.44 -33.47 1.97
CA LYS B 50 -8.25 -34.24 3.20
C LYS B 50 -8.44 -33.36 4.44
N ILE B 51 -7.86 -32.17 4.40
CA ILE B 51 -7.95 -31.28 5.55
C ILE B 51 -9.38 -30.79 5.76
N TYR B 52 -10.08 -30.44 4.68
CA TYR B 52 -11.48 -30.07 4.79
C TYR B 52 -12.24 -31.14 5.58
N HIS B 53 -12.10 -32.39 5.16
CA HIS B 53 -12.82 -33.47 5.85
C HIS B 53 -12.36 -33.68 7.30
N SER B 54 -11.08 -33.52 7.57
CA SER B 54 -10.61 -33.70 8.95
C SER B 54 -11.12 -32.60 9.87
N LEU B 55 -11.22 -31.38 9.36
CA LEU B 55 -11.78 -30.28 10.15
C LEU B 55 -13.26 -30.53 10.45
N ILE B 56 -14.00 -31.04 9.47
CA ILE B 56 -15.39 -31.43 9.68
C ILE B 56 -15.46 -32.54 10.74
N GLN B 57 -14.60 -33.55 10.59
CA GLN B 57 -14.56 -34.66 11.53
C GLN B 57 -14.25 -34.18 12.96
N SER B 58 -13.43 -33.14 13.08
CA SER B 58 -13.08 -32.59 14.38
C SER B 58 -14.26 -31.88 15.05
N GLY B 59 -15.32 -31.64 14.30
CA GLY B 59 -16.51 -31.07 14.87
C GLY B 59 -17.07 -29.84 14.18
N ALA B 60 -16.40 -29.35 13.14
CA ALA B 60 -16.93 -28.20 12.41
C ALA B 60 -18.19 -28.57 11.64
N ASP B 61 -19.17 -27.66 11.64
CA ASP B 61 -20.33 -27.80 10.76
C ASP B 61 -20.10 -27.07 9.45
N ALA B 62 -19.22 -26.07 9.47
CA ALA B 62 -18.89 -25.31 8.26
C ALA B 62 -17.50 -24.73 8.41
N ILE B 63 -16.87 -24.45 7.27
CA ILE B 63 -15.52 -23.91 7.24
C ILE B 63 -15.56 -22.60 6.44
N THR B 64 -14.98 -21.55 7.01
CA THR B 64 -14.85 -20.26 6.31
C THR B 64 -13.39 -20.05 5.93
N MET B 65 -13.14 -19.10 5.04
CA MET B 65 -11.80 -18.94 4.49
C MET B 65 -11.38 -17.47 4.45
N GLY B 66 -10.54 -17.10 3.49
CA GLY B 66 -9.96 -15.77 3.50
C GLY B 66 -9.05 -15.51 2.31
N ASN B 67 -8.03 -14.69 2.51
CA ASN B 67 -7.22 -14.26 1.38
C ASN B 67 -6.34 -15.38 0.82
N HIS B 68 -6.11 -16.44 1.60
CA HIS B 68 -5.28 -17.55 1.13
C HIS B 68 -6.08 -18.70 0.55
N THR B 69 -7.37 -18.47 0.30
CA THR B 69 -8.26 -19.54 -0.17
C THR B 69 -7.68 -20.33 -1.34
N TRP B 70 -7.02 -19.62 -2.25
CA TRP B 70 -6.64 -20.19 -3.54
C TRP B 70 -5.19 -20.66 -3.62
N ASP B 71 -4.48 -20.61 -2.51
CA ASP B 71 -3.02 -20.82 -2.53
C ASP B 71 -2.58 -22.24 -2.90
N LYS B 72 -3.39 -23.23 -2.53
CA LYS B 72 -3.20 -24.60 -3.00
C LYS B 72 -4.19 -24.86 -4.13
N LYS B 73 -3.70 -25.02 -5.35
CA LYS B 73 -4.58 -25.11 -6.50
C LYS B 73 -5.53 -26.31 -6.43
N GLU B 74 -5.17 -27.29 -5.61
CA GLU B 74 -6.03 -28.46 -5.47
CA GLU B 74 -6.01 -28.47 -5.40
C GLU B 74 -7.45 -28.08 -5.02
N ILE B 75 -7.59 -26.92 -4.37
CA ILE B 75 -8.92 -26.51 -3.94
C ILE B 75 -9.91 -26.44 -5.10
N PHE B 76 -9.42 -26.11 -6.28
CA PHE B 76 -10.31 -26.03 -7.44
C PHE B 76 -10.87 -27.40 -7.80
N ASP B 77 -10.17 -28.46 -7.40
CA ASP B 77 -10.61 -29.82 -7.70
C ASP B 77 -11.78 -30.29 -6.84
N PHE B 78 -11.97 -29.70 -5.66
CA PHE B 78 -12.99 -30.20 -4.75
C PHE B 78 -13.98 -29.16 -4.22
N ILE B 79 -13.69 -27.88 -4.43
CA ILE B 79 -14.45 -26.82 -3.78
C ILE B 79 -15.95 -26.90 -4.07
N ASP B 80 -16.31 -27.19 -5.31
CA ASP B 80 -17.73 -27.27 -5.65
C ASP B 80 -18.34 -28.64 -5.38
N ASP B 81 -17.55 -29.54 -4.78
CA ASP B 81 -18.00 -30.90 -4.49
C ASP B 81 -18.26 -31.18 -3.02
N VAL B 82 -17.94 -30.23 -2.15
CA VAL B 82 -18.16 -30.40 -0.71
C VAL B 82 -19.20 -29.38 -0.25
N PRO B 83 -19.96 -29.71 0.80
CA PRO B 83 -21.19 -28.99 1.13
C PRO B 83 -21.09 -27.79 2.05
N ASN B 84 -20.07 -27.71 2.90
CA ASN B 84 -20.08 -26.69 3.93
C ASN B 84 -18.83 -25.81 3.96
N LEU B 85 -18.38 -25.42 2.77
CA LEU B 85 -17.18 -24.58 2.62
C LEU B 85 -17.56 -23.24 2.02
N VAL B 86 -17.12 -22.16 2.67
CA VAL B 86 -17.42 -20.81 2.26
C VAL B 86 -16.10 -20.06 2.04
N ARG B 87 -16.04 -19.26 0.98
CA ARG B 87 -14.89 -18.39 0.71
C ARG B 87 -15.41 -16.96 0.61
N PRO B 88 -14.52 -15.97 0.57
CA PRO B 88 -15.09 -14.61 0.62
C PRO B 88 -16.05 -14.30 -0.52
N ALA B 89 -17.23 -13.83 -0.15
CA ALA B 89 -18.32 -13.66 -1.11
C ALA B 89 -18.03 -12.57 -2.13
N ASN B 90 -17.13 -11.66 -1.78
CA ASN B 90 -16.87 -10.52 -2.64
C ASN B 90 -15.72 -10.70 -3.64
N PHE B 91 -15.22 -11.93 -3.78
CA PHE B 91 -14.48 -12.29 -4.99
C PHE B 91 -15.44 -12.11 -6.19
N PRO B 92 -14.89 -11.75 -7.37
CA PRO B 92 -15.76 -11.40 -8.51
C PRO B 92 -16.73 -12.51 -8.91
N GLU B 93 -17.86 -12.11 -9.49
CA GLU B 93 -18.80 -13.07 -10.04
C GLU B 93 -18.06 -14.05 -10.95
N GLY B 94 -18.39 -15.33 -10.84
CA GLY B 94 -17.73 -16.35 -11.63
C GLY B 94 -16.67 -17.11 -10.86
N THR B 95 -16.28 -16.58 -9.71
CA THR B 95 -15.33 -17.28 -8.85
C THR B 95 -15.91 -18.62 -8.40
N PRO B 96 -15.08 -19.67 -8.42
CA PRO B 96 -15.54 -20.97 -7.92
C PRO B 96 -15.98 -20.90 -6.45
N GLY B 97 -16.80 -21.84 -6.06
CA GLY B 97 -17.25 -21.93 -4.68
C GLY B 97 -18.35 -20.95 -4.37
N LYS B 98 -18.60 -20.76 -3.07
CA LYS B 98 -19.69 -19.90 -2.64
C LYS B 98 -19.26 -19.00 -1.49
N GLY B 99 -19.97 -17.88 -1.34
CA GLY B 99 -19.68 -16.93 -0.28
C GLY B 99 -20.69 -16.98 0.85
N ILE B 100 -21.69 -17.84 0.69
CA ILE B 100 -22.67 -18.06 1.75
C ILE B 100 -23.09 -19.52 1.77
N THR B 101 -23.30 -20.06 2.96
CA THR B 101 -23.85 -21.40 3.09
C THR B 101 -24.85 -21.41 4.22
N TYR B 102 -25.87 -22.26 4.08
CA TYR B 102 -26.86 -22.37 5.13
C TYR B 102 -26.64 -23.66 5.89
N VAL B 103 -26.16 -23.51 7.12
CA VAL B 103 -25.81 -24.64 7.96
C VAL B 103 -27.05 -25.13 8.70
N LYS B 104 -27.40 -26.38 8.40
CA LYS B 104 -28.55 -27.03 9.03
C LYS B 104 -28.02 -28.08 10.00
N ALA B 105 -28.21 -27.81 11.28
CA ALA B 105 -27.63 -28.64 12.33
C ALA B 105 -28.50 -28.52 13.56
N ASN B 106 -28.60 -29.61 14.31
CA ASN B 106 -29.35 -29.62 15.56
C ASN B 106 -30.72 -28.94 15.43
N GLY B 107 -31.39 -29.21 14.31
CA GLY B 107 -32.75 -28.76 14.10
C GLY B 107 -32.89 -27.29 13.74
N LYS B 108 -31.76 -26.59 13.64
CA LYS B 108 -31.76 -25.16 13.37
C LYS B 108 -31.09 -24.80 12.03
N GLU B 109 -31.13 -23.52 11.66
CA GLU B 109 -30.45 -23.07 10.44
C GLU B 109 -29.71 -21.74 10.64
N LEU B 110 -28.43 -21.72 10.31
CA LEU B 110 -27.62 -20.51 10.42
C LEU B 110 -27.03 -20.13 9.07
N ALA B 111 -27.26 -18.90 8.64
CA ALA B 111 -26.64 -18.43 7.41
C ALA B 111 -25.20 -18.02 7.73
N VAL B 112 -24.25 -18.63 7.05
CA VAL B 112 -22.84 -18.33 7.29
C VAL B 112 -22.25 -17.64 6.06
N ILE B 113 -21.85 -16.38 6.26
CA ILE B 113 -21.36 -15.52 5.19
C ILE B 113 -19.89 -15.22 5.47
N ASN B 114 -19.06 -15.32 4.43
CA ASN B 114 -17.63 -14.98 4.53
C ASN B 114 -17.41 -13.76 3.62
N LEU B 115 -16.70 -12.75 4.13
CA LEU B 115 -16.39 -11.55 3.33
C LEU B 115 -14.92 -11.21 3.55
N GLN B 116 -14.31 -10.51 2.62
CA GLN B 116 -12.91 -10.11 2.76
C GLN B 116 -12.78 -8.59 2.64
N GLY B 117 -12.00 -7.99 3.52
CA GLY B 117 -11.80 -6.54 3.52
C GLY B 117 -10.90 -6.11 2.37
N ARG B 118 -10.90 -4.81 2.07
CA ARG B 118 -10.08 -4.31 0.97
C ARG B 118 -8.92 -3.42 1.40
N THR B 119 -8.99 -2.82 2.59
CA THR B 119 -7.87 -2.02 3.08
C THR B 119 -6.64 -2.91 3.32
N PHE B 120 -5.53 -2.55 2.68
CA PHE B 120 -4.27 -3.29 2.79
C PHE B 120 -4.35 -4.68 2.15
N LEU B 121 -5.35 -4.88 1.31
CA LEU B 121 -5.61 -6.18 0.69
C LEU B 121 -5.98 -5.95 -0.77
N PRO B 122 -6.14 -7.04 -1.56
CA PRO B 122 -6.48 -6.85 -2.98
C PRO B 122 -7.83 -6.18 -3.20
N PRO B 123 -8.00 -5.52 -4.35
CA PRO B 123 -9.26 -4.81 -4.62
C PRO B 123 -10.38 -5.74 -5.09
N LEU B 124 -10.99 -6.44 -4.15
CA LEU B 124 -12.18 -7.24 -4.42
C LEU B 124 -13.39 -6.34 -4.60
N ASP B 125 -14.56 -6.93 -4.80
CA ASP B 125 -15.77 -6.13 -4.83
C ASP B 125 -16.06 -5.59 -3.43
N ASP B 126 -16.87 -4.54 -3.36
CA ASP B 126 -17.19 -3.90 -2.08
C ASP B 126 -17.90 -4.85 -1.11
N PRO B 127 -17.27 -5.11 0.04
CA PRO B 127 -17.89 -6.02 0.99
C PRO B 127 -19.12 -5.41 1.67
N PHE B 128 -19.24 -4.10 1.70
CA PHE B 128 -20.40 -3.48 2.36
C PHE B 128 -21.67 -3.76 1.57
N LEU B 129 -21.62 -3.48 0.27
CA LEU B 129 -22.74 -3.76 -0.62
C LEU B 129 -23.02 -5.26 -0.71
N LYS B 130 -21.95 -6.04 -0.72
CA LYS B 130 -22.09 -7.49 -0.75
C LYS B 130 -22.77 -8.00 0.53
N ALA B 131 -22.39 -7.45 1.69
CA ALA B 131 -23.06 -7.79 2.95
C ALA B 131 -24.56 -7.51 2.84
N ASP B 132 -24.92 -6.33 2.33
CA ASP B 132 -26.35 -5.98 2.22
C ASP B 132 -27.10 -7.04 1.39
N GLU B 133 -26.53 -7.37 0.24
CA GLU B 133 -27.14 -8.32 -0.67
C GLU B 133 -27.35 -9.66 0.03
N LEU B 134 -26.31 -10.16 0.68
CA LEU B 134 -26.38 -11.50 1.27
C LEU B 134 -27.24 -11.54 2.53
N ILE B 135 -27.22 -10.44 3.30
CA ILE B 135 -28.08 -10.36 4.45
C ILE B 135 -29.55 -10.40 4.01
N ALA B 136 -29.89 -9.62 2.97
CA ALA B 136 -31.31 -9.65 2.57
C ALA B 136 -31.71 -11.01 2.04
N GLU B 137 -30.85 -11.65 1.27
CA GLU B 137 -31.09 -13.02 0.82
C GLU B 137 -31.26 -13.99 1.99
N ALA B 138 -30.33 -13.94 2.94
CA ALA B 138 -30.35 -14.83 4.09
C ALA B 138 -31.62 -14.67 4.93
N ALA B 139 -32.04 -13.41 5.13
CA ALA B 139 -33.18 -13.11 5.99
C ALA B 139 -34.48 -13.74 5.49
N LYS B 140 -34.54 -14.05 4.20
CA LYS B 140 -35.71 -14.73 3.63
C LYS B 140 -35.82 -16.18 4.08
N ARG B 141 -34.70 -16.73 4.54
CA ARG B 141 -34.60 -18.14 4.97
C ARG B 141 -34.42 -18.32 6.47
N THR B 142 -33.70 -17.42 7.12
CA THR B 142 -33.42 -17.55 8.55
C THR B 142 -33.04 -16.20 9.17
N PRO B 143 -33.47 -15.96 10.41
CA PRO B 143 -33.11 -14.71 11.08
C PRO B 143 -31.74 -14.84 11.74
N TYR B 144 -31.13 -16.03 11.67
CA TYR B 144 -29.82 -16.25 12.26
C TYR B 144 -28.75 -16.10 11.18
N ILE B 145 -27.99 -15.01 11.26
CA ILE B 145 -27.10 -14.62 10.19
C ILE B 145 -25.73 -14.27 10.77
N PHE B 146 -24.69 -14.97 10.30
CA PHE B 146 -23.35 -14.84 10.87
C PHE B 146 -22.38 -14.44 9.78
N ILE B 147 -21.50 -13.49 10.09
CA ILE B 147 -20.52 -13.05 9.11
C ILE B 147 -19.12 -13.22 9.68
N ASP B 148 -18.24 -13.90 8.94
CA ASP B 148 -16.81 -13.94 9.23
C ASP B 148 -16.17 -12.95 8.25
N PHE B 149 -15.74 -11.80 8.76
CA PHE B 149 -15.15 -10.74 7.95
C PHE B 149 -13.64 -10.81 8.06
N HIS B 150 -13.00 -11.25 6.98
CA HIS B 150 -11.56 -11.47 6.95
C HIS B 150 -10.88 -10.19 6.45
N ALA B 151 -10.29 -9.42 7.35
CA ALA B 151 -9.81 -8.09 6.99
C ALA B 151 -8.65 -7.66 7.87
N GLU B 152 -7.89 -6.69 7.37
CA GLU B 152 -6.70 -6.18 8.06
C GLU B 152 -6.99 -4.98 8.97
N ALA B 153 -7.72 -4.01 8.43
CA ALA B 153 -7.91 -2.72 9.08
C ALA B 153 -9.01 -2.74 10.14
N THR B 154 -8.67 -2.31 11.36
CA THR B 154 -9.66 -2.26 12.43
C THR B 154 -10.79 -1.31 12.05
N SER B 155 -10.49 -0.26 11.28
CA SER B 155 -11.53 0.70 10.91
C SER B 155 -12.58 0.02 10.04
N GLU B 156 -12.12 -0.81 9.11
CA GLU B 156 -13.02 -1.45 8.15
C GLU B 156 -13.87 -2.49 8.87
N LYS B 157 -13.25 -3.21 9.79
CA LYS B 157 -14.00 -4.21 10.55
C LYS B 157 -15.09 -3.60 11.42
N LEU B 158 -14.74 -2.58 12.19
CA LEU B 158 -15.72 -1.90 13.02
C LEU B 158 -16.81 -1.24 12.17
N ALA B 159 -16.41 -0.67 11.03
CA ALA B 159 -17.40 -0.08 10.15
C ALA B 159 -18.43 -1.12 9.72
N LEU B 160 -17.99 -2.33 9.35
CA LEU B 160 -18.94 -3.34 8.88
C LEU B 160 -19.85 -3.76 10.01
N GLY B 161 -19.27 -3.96 11.19
CA GLY B 161 -20.04 -4.35 12.35
C GLY B 161 -21.15 -3.34 12.65
N TRP B 162 -20.79 -2.07 12.76
CA TRP B 162 -21.78 -1.04 13.01
C TRP B 162 -22.78 -0.95 11.84
N TYR B 163 -22.27 -1.05 10.62
CA TYR B 163 -23.12 -0.91 9.45
C TYR B 163 -24.23 -1.96 9.41
N THR B 164 -23.92 -3.17 9.88
CA THR B 164 -24.88 -4.27 9.79
C THR B 164 -25.60 -4.53 11.11
N ASP B 165 -25.38 -3.67 12.10
CA ASP B 165 -26.02 -3.84 13.42
C ASP B 165 -27.54 -3.97 13.28
N GLY B 166 -28.08 -5.02 13.90
CA GLY B 166 -29.52 -5.29 13.87
C GLY B 166 -29.96 -6.08 12.66
N ARG B 167 -29.04 -6.30 11.73
CA ARG B 167 -29.37 -6.99 10.48
C ARG B 167 -28.66 -8.33 10.38
N ALA B 168 -27.39 -8.34 10.78
CA ALA B 168 -26.68 -9.58 11.02
C ALA B 168 -26.79 -9.92 12.50
N SER B 169 -26.79 -11.20 12.84
CA SER B 169 -26.83 -11.63 14.23
C SER B 169 -25.47 -11.44 14.88
N ALA B 170 -24.43 -11.71 14.09
CA ALA B 170 -23.06 -11.59 14.59
C ALA B 170 -22.09 -11.28 13.46
N VAL B 171 -21.10 -10.47 13.77
CA VAL B 171 -20.02 -10.16 12.85
C VAL B 171 -18.71 -10.36 13.59
N VAL B 172 -17.93 -11.33 13.15
CA VAL B 172 -16.64 -11.58 13.80
C VAL B 172 -15.54 -11.36 12.79
N GLY B 173 -14.45 -10.74 13.24
CA GLY B 173 -13.31 -10.51 12.39
C GLY B 173 -12.29 -11.64 12.45
N THR B 174 -11.62 -11.86 11.34
CA THR B 174 -10.44 -12.72 11.30
C THR B 174 -9.39 -12.05 10.43
N HIS B 175 -8.22 -12.67 10.34
CA HIS B 175 -7.10 -12.33 9.45
C HIS B 175 -5.81 -11.89 10.17
N THR B 176 -5.94 -11.12 11.25
CA THR B 176 -4.71 -10.57 11.85
C THR B 176 -4.02 -11.51 12.84
N HIS B 177 -4.66 -12.64 13.11
CA HIS B 177 -4.08 -13.70 13.97
C HIS B 177 -3.82 -13.28 15.43
N VAL B 178 -4.45 -12.19 15.87
CA VAL B 178 -4.33 -11.75 17.27
C VAL B 178 -5.74 -11.46 17.79
N GLN B 179 -6.16 -12.15 18.84
CA GLN B 179 -7.51 -11.94 19.35
C GLN B 179 -7.63 -10.56 19.99
N THR B 180 -8.76 -9.89 19.75
CA THR B 180 -9.01 -8.60 20.37
C THR B 180 -9.89 -8.75 21.59
N ALA B 181 -9.90 -7.72 22.42
CA ALA B 181 -10.62 -7.76 23.70
C ALA B 181 -11.91 -6.96 23.66
N ASP B 182 -12.31 -6.57 22.44
CA ASP B 182 -13.45 -5.67 22.27
C ASP B 182 -14.75 -6.39 21.93
N ASN B 183 -14.86 -7.66 22.33
CA ASN B 183 -16.11 -8.39 22.14
C ASN B 183 -17.24 -7.68 22.88
N ARG B 184 -18.34 -7.43 22.18
CA ARG B 184 -19.47 -6.71 22.76
C ARG B 184 -20.72 -6.95 21.93
N ILE B 185 -21.87 -6.55 22.47
CA ILE B 185 -23.12 -6.58 21.71
C ILE B 185 -23.45 -5.15 21.35
N LEU B 186 -23.59 -4.87 20.05
CA LEU B 186 -23.87 -3.51 19.59
C LEU B 186 -25.32 -3.12 19.93
N PRO B 187 -25.65 -1.82 19.85
CA PRO B 187 -26.93 -1.34 20.37
C PRO B 187 -28.18 -2.02 19.78
N LYS B 188 -28.11 -2.47 18.54
CA LYS B 188 -29.28 -3.10 17.93
C LYS B 188 -29.24 -4.62 18.00
N GLY B 189 -28.27 -5.16 18.75
CA GLY B 189 -28.27 -6.57 19.09
C GLY B 189 -27.31 -7.48 18.34
N THR B 190 -26.41 -6.90 17.56
CA THR B 190 -25.44 -7.70 16.83
C THR B 190 -24.19 -7.95 17.67
N ALA B 191 -23.81 -9.22 17.84
CA ALA B 191 -22.56 -9.55 18.52
C ALA B 191 -21.38 -9.19 17.63
N TYR B 192 -20.31 -8.67 18.22
CA TYR B 192 -19.21 -8.16 17.42
C TYR B 192 -17.88 -8.41 18.13
N ILE B 193 -16.85 -8.78 17.36
CA ILE B 193 -15.47 -8.76 17.85
C ILE B 193 -14.54 -8.42 16.68
N THR B 194 -13.53 -7.59 16.91
CA THR B 194 -12.67 -7.15 15.79
C THR B 194 -11.79 -8.26 15.22
N ASP B 195 -11.24 -9.12 16.07
CA ASP B 195 -10.56 -10.30 15.56
C ASP B 195 -10.61 -11.44 16.57
N VAL B 196 -11.01 -12.61 16.09
CA VAL B 196 -11.07 -13.79 16.94
C VAL B 196 -9.68 -14.32 17.29
N GLY B 197 -8.72 -14.10 16.41
CA GLY B 197 -7.37 -14.60 16.63
C GLY B 197 -7.08 -15.86 15.83
N MET B 198 -6.01 -16.56 16.20
CA MET B 198 -5.58 -17.74 15.46
C MET B 198 -5.53 -19.00 16.32
N THR B 199 -5.44 -20.13 15.63
CA THR B 199 -5.31 -21.44 16.25
C THR B 199 -4.13 -22.12 15.56
N GLY B 200 -3.07 -22.39 16.32
CA GLY B 200 -1.82 -22.82 15.70
C GLY B 200 -0.66 -22.52 16.65
N PRO B 201 0.56 -22.36 16.12
CA PRO B 201 1.70 -22.05 17.00
C PRO B 201 1.46 -20.80 17.87
N TYR B 202 1.83 -20.88 19.15
CA TYR B 202 1.66 -19.76 20.08
C TYR B 202 2.88 -18.87 20.09
N ASP B 203 4.05 -19.45 19.84
CA ASP B 203 5.31 -18.72 20.01
C ASP B 203 6.05 -18.55 18.69
N GLY B 204 5.30 -18.48 17.60
CA GLY B 204 5.84 -17.99 16.34
C GLY B 204 5.46 -16.52 16.24
N ILE B 205 5.52 -16.00 15.03
CA ILE B 205 4.95 -14.70 14.70
C ILE B 205 3.75 -14.95 13.81
N LEU B 206 2.56 -14.88 14.41
CA LEU B 206 1.31 -15.17 13.71
C LEU B 206 1.30 -16.57 13.11
N GLY B 207 2.02 -17.49 13.74
CA GLY B 207 2.06 -18.86 13.30
C GLY B 207 3.32 -19.21 12.52
N MET B 208 4.09 -18.20 12.15
CA MET B 208 5.28 -18.39 11.33
C MET B 208 6.54 -18.47 12.19
N ASP B 209 7.56 -19.18 11.70
CA ASP B 209 8.82 -19.30 12.41
C ASP B 209 9.42 -17.92 12.75
N ARG B 210 9.79 -17.72 14.00
CA ARG B 210 10.19 -16.38 14.47
C ARG B 210 11.45 -15.89 13.77
N GLU B 211 12.44 -16.77 13.65
CA GLU B 211 13.72 -16.37 13.10
C GLU B 211 13.58 -15.85 11.65
N THR B 212 12.73 -16.51 10.86
CA THR B 212 12.57 -16.10 9.47
C THR B 212 11.88 -14.74 9.39
N ILE B 213 10.84 -14.55 10.20
CA ILE B 213 10.06 -13.31 10.12
C ILE B 213 10.90 -12.12 10.58
N ILE B 214 11.63 -12.30 11.68
CA ILE B 214 12.50 -11.24 12.18
C ILE B 214 13.60 -10.94 11.15
N LYS B 215 14.17 -11.98 10.55
CA LYS B 215 15.19 -11.76 9.51
C LYS B 215 14.66 -10.92 8.36
N ARG B 216 13.44 -11.22 7.91
CA ARG B 216 12.86 -10.43 6.85
C ARG B 216 12.70 -8.97 7.24
N PHE B 217 12.20 -8.71 8.44
CA PHE B 217 12.07 -7.32 8.90
C PHE B 217 13.42 -6.59 8.91
N LYS B 218 14.46 -7.26 9.40
CA LYS B 218 15.77 -6.62 9.55
C LYS B 218 16.56 -6.50 8.26
N THR B 219 16.35 -7.41 7.31
CA THR B 219 17.21 -7.44 6.13
C THR B 219 16.54 -7.00 4.83
N ASN B 220 15.21 -7.06 4.81
CA ASN B 220 14.43 -6.81 3.61
C ASN B 220 14.72 -7.84 2.51
N LEU B 221 15.37 -8.95 2.87
CA LEU B 221 15.65 -10.04 1.94
C LEU B 221 14.55 -11.08 2.03
N PRO B 222 14.34 -11.84 0.96
CA PRO B 222 13.27 -12.85 1.04
C PRO B 222 13.67 -14.00 1.97
N VAL B 223 12.67 -14.64 2.57
CA VAL B 223 12.93 -15.80 3.42
C VAL B 223 12.01 -16.93 3.03
N ARG B 224 12.42 -18.16 3.36
CA ARG B 224 11.57 -19.33 3.14
C ARG B 224 10.29 -19.19 3.96
N PHE B 225 9.17 -19.60 3.38
CA PHE B 225 7.91 -19.65 4.11
C PHE B 225 7.98 -20.84 5.05
N THR B 226 7.98 -20.58 6.35
CA THR B 226 8.20 -21.64 7.33
C THR B 226 7.22 -21.51 8.50
N VAL B 227 6.34 -22.50 8.67
CA VAL B 227 5.39 -22.49 9.77
C VAL B 227 6.12 -22.85 11.08
N ALA B 228 5.75 -22.17 12.16
CA ALA B 228 6.42 -22.43 13.43
C ALA B 228 6.04 -23.80 13.98
N GLU B 229 6.87 -24.31 14.88
CA GLU B 229 6.55 -25.52 15.63
C GLU B 229 6.93 -25.31 17.10
N GLY B 230 6.12 -25.84 18.00
CA GLY B 230 6.32 -25.61 19.43
C GLY B 230 5.00 -25.53 20.17
N LYS B 231 4.92 -24.63 21.14
CA LYS B 231 3.67 -24.43 21.88
C LYS B 231 2.54 -24.04 20.94
N THR B 232 1.31 -24.35 21.34
CA THR B 232 0.14 -24.08 20.51
C THR B 232 -0.91 -23.29 21.26
N THR B 233 -1.82 -22.68 20.49
CA THR B 233 -2.88 -21.87 21.05
C THR B 233 -4.15 -22.11 20.24
N LEU B 234 -5.30 -21.91 20.87
CA LEU B 234 -6.57 -21.89 20.14
C LEU B 234 -7.33 -20.63 20.50
N SER B 235 -7.91 -19.99 19.50
CA SER B 235 -8.68 -18.77 19.73
C SER B 235 -10.07 -18.96 19.14
N GLY B 236 -11.09 -18.53 19.88
CA GLY B 236 -12.45 -18.68 19.38
C GLY B 236 -13.40 -17.75 20.09
N VAL B 237 -14.67 -17.82 19.73
CA VAL B 237 -15.72 -17.14 20.48
C VAL B 237 -16.95 -18.03 20.59
N VAL B 238 -17.73 -17.83 21.64
CA VAL B 238 -19.03 -18.48 21.76
C VAL B 238 -20.07 -17.38 21.83
N ILE B 239 -21.05 -17.46 20.94
CA ILE B 239 -22.04 -16.41 20.83
C ILE B 239 -23.41 -17.01 21.07
N ASP B 240 -24.19 -16.37 21.92
CA ASP B 240 -25.58 -16.79 22.17
C ASP B 240 -26.54 -15.79 21.54
N ILE B 241 -27.52 -16.32 20.81
CA ILE B 241 -28.56 -15.50 20.19
C ILE B 241 -29.90 -15.89 20.80
N ASP B 242 -30.67 -14.90 21.23
CA ASP B 242 -31.99 -15.14 21.82
C ASP B 242 -32.97 -15.62 20.76
N ASP B 243 -33.60 -16.76 21.01
CA ASP B 243 -34.49 -17.37 20.03
C ASP B 243 -35.81 -16.63 19.83
N GLN B 244 -36.18 -15.79 20.80
CA GLN B 244 -37.38 -14.97 20.68
C GLN B 244 -37.10 -13.62 20.05
N THR B 245 -36.08 -12.93 20.55
CA THR B 245 -35.80 -11.57 20.08
C THR B 245 -34.89 -11.58 18.86
N LYS B 246 -34.22 -12.69 18.61
CA LYS B 246 -33.24 -12.81 17.53
C LYS B 246 -32.01 -11.92 17.75
N LYS B 247 -31.91 -11.30 18.91
CA LYS B 247 -30.74 -10.49 19.24
C LYS B 247 -29.67 -11.33 19.91
N ALA B 248 -28.41 -10.97 19.68
CA ALA B 248 -27.32 -11.61 20.41
C ALA B 248 -27.38 -11.16 21.86
N VAL B 249 -27.11 -12.08 22.80
CA VAL B 249 -27.16 -11.71 24.21
C VAL B 249 -25.84 -11.93 24.93
N LYS B 250 -24.94 -12.70 24.32
CA LYS B 250 -23.63 -12.92 24.92
C LYS B 250 -22.61 -13.25 23.84
N ILE B 251 -21.41 -12.71 24.00
CA ILE B 251 -20.28 -13.14 23.18
C ILE B 251 -19.08 -13.28 24.09
N GLU B 252 -18.63 -14.52 24.27
CA GLU B 252 -17.54 -14.84 25.18
C GLU B 252 -16.30 -15.24 24.40
N ARG B 253 -15.13 -14.74 24.80
CA ARG B 253 -13.89 -15.12 24.12
C ARG B 253 -13.35 -16.45 24.66
N ILE B 254 -12.76 -17.25 23.77
CA ILE B 254 -12.06 -18.46 24.14
C ILE B 254 -10.57 -18.33 23.80
N LEU B 255 -9.70 -18.59 24.77
CA LEU B 255 -8.26 -18.69 24.52
C LEU B 255 -7.77 -19.90 25.28
N ILE B 256 -7.05 -20.77 24.59
CA ILE B 256 -6.44 -21.93 25.21
C ILE B 256 -4.96 -21.94 24.85
N ASN B 257 -4.11 -21.74 25.85
CA ASN B 257 -2.68 -21.85 25.66
C ASN B 257 -2.04 -21.93 27.04
N ASP B 258 -0.71 -21.92 27.11
CA ASP B 258 -0.05 -22.03 28.40
C ASP B 258 -0.40 -20.88 29.37
N ASP B 259 -0.90 -19.76 28.82
CA ASP B 259 -1.27 -18.61 29.65
C ASP B 259 -2.76 -18.61 30.00
N HIS B 260 -3.50 -19.52 29.40
CA HIS B 260 -4.94 -19.62 29.61
C HIS B 260 -5.36 -21.08 29.59
N MET B 261 -5.30 -21.72 30.76
CA MET B 261 -5.56 -23.15 30.81
C MET B 261 -7.01 -23.45 30.48
N PHE B 262 -7.25 -24.62 29.89
CA PHE B 262 -8.61 -25.00 29.56
C PHE B 262 -9.24 -25.77 30.71
N PHE B 263 -10.46 -25.38 31.08
CA PHE B 263 -11.15 -26.04 32.18
C PHE B 263 -12.38 -26.81 31.75
N GLU B 264 -12.46 -28.06 32.19
CA GLU B 264 -13.70 -28.84 32.19
C GLU B 264 -13.95 -29.56 30.87
N MET C 1 -11.69 10.33 -38.04
CA MET C 1 -11.72 11.61 -37.37
C MET C 1 -10.49 11.75 -36.48
N ARG C 2 -10.19 12.98 -36.10
CA ARG C 2 -8.98 13.28 -35.35
C ARG C 2 -9.32 13.72 -33.92
N ILE C 3 -8.59 13.19 -32.94
CA ILE C 3 -8.79 13.56 -31.55
C ILE C 3 -7.53 14.19 -30.97
N LEU C 4 -7.70 15.32 -30.29
CA LEU C 4 -6.61 15.94 -29.53
C LEU C 4 -6.90 15.76 -28.05
N PHE C 5 -5.95 15.17 -27.32
CA PHE C 5 -6.13 14.97 -25.89
C PHE C 5 -4.98 15.62 -25.12
N ILE C 6 -5.31 16.38 -24.09
CA ILE C 6 -4.33 17.09 -23.29
C ILE C 6 -4.25 16.49 -21.88
N GLY C 7 -3.06 16.15 -21.42
CA GLY C 7 -2.89 15.52 -20.12
C GLY C 7 -3.07 16.44 -18.91
N ASP C 8 -3.19 15.81 -17.73
CA ASP C 8 -3.52 16.46 -16.45
C ASP C 8 -3.09 17.93 -16.36
N VAL C 9 -4.07 18.83 -16.33
CA VAL C 9 -3.79 20.26 -16.17
C VAL C 9 -3.55 20.56 -14.69
N VAL C 10 -2.38 21.10 -14.38
CA VAL C 10 -1.98 21.33 -12.99
C VAL C 10 -1.92 22.82 -12.64
N GLY C 11 -2.92 23.26 -11.87
CA GLY C 11 -2.96 24.61 -11.34
C GLY C 11 -3.01 25.73 -12.37
N SER C 12 -2.80 26.94 -11.92
CA SER C 12 -2.80 28.10 -12.83
C SER C 12 -1.77 28.02 -13.97
N PRO C 13 -0.56 27.52 -13.69
CA PRO C 13 0.40 27.42 -14.78
C PRO C 13 -0.11 26.49 -15.89
N GLY C 14 -0.76 25.40 -15.49
CA GLY C 14 -1.35 24.49 -16.46
C GLY C 14 -2.48 25.15 -17.24
N ARG C 15 -3.33 25.88 -16.53
CA ARG C 15 -4.40 26.61 -17.19
C ARG C 15 -3.86 27.63 -18.19
N ASP C 16 -2.78 28.32 -17.81
CA ASP C 16 -2.15 29.32 -18.68
C ASP C 16 -1.63 28.66 -19.95
N MET C 17 -1.00 27.50 -19.77
CA MET C 17 -0.49 26.72 -20.87
C MET C 17 -1.62 26.28 -21.81
N VAL C 18 -2.74 25.86 -21.25
CA VAL C 18 -3.91 25.50 -22.05
C VAL C 18 -4.44 26.70 -22.82
N LYS C 19 -4.60 27.82 -22.13
CA LYS C 19 -5.13 29.03 -22.77
C LYS C 19 -4.27 29.43 -23.96
N GLU C 20 -2.95 29.36 -23.80
CA GLU C 20 -2.05 29.76 -24.88
C GLU C 20 -1.94 28.75 -26.02
N TYR C 21 -1.84 27.47 -25.69
CA TYR C 21 -1.44 26.49 -26.70
C TYR C 21 -2.53 25.60 -27.28
N VAL C 22 -3.62 25.40 -26.55
CA VAL C 22 -4.70 24.57 -27.11
C VAL C 22 -5.31 25.20 -28.36
N PRO C 23 -5.54 26.52 -28.35
CA PRO C 23 -6.03 27.13 -29.59
C PRO C 23 -5.04 26.96 -30.75
N LYS C 24 -3.74 27.06 -30.46
CA LYS C 24 -2.72 26.88 -31.49
C LYS C 24 -2.66 25.43 -31.98
N LEU C 25 -2.85 24.48 -31.08
CA LEU C 25 -2.86 23.08 -31.47
C LEU C 25 -4.08 22.76 -32.32
N LYS C 26 -5.20 23.39 -32.00
CA LYS C 26 -6.45 23.16 -32.74
C LYS C 26 -6.31 23.73 -34.16
N THR C 27 -5.65 24.88 -34.28
CA THR C 27 -5.36 25.45 -35.59
C THR C 27 -4.40 24.58 -36.40
N LYS C 28 -3.37 24.06 -35.73
CA LYS C 28 -2.37 23.25 -36.39
C LYS C 28 -2.89 21.88 -36.82
N TYR C 29 -3.64 21.23 -35.93
CA TYR C 29 -4.06 19.85 -36.18
C TYR C 29 -5.50 19.69 -36.65
N LYS C 30 -6.31 20.74 -36.45
CA LYS C 30 -7.72 20.70 -36.80
C LYS C 30 -8.43 19.42 -36.33
N PRO C 31 -8.35 19.14 -35.03
CA PRO C 31 -9.02 17.95 -34.48
C PRO C 31 -10.53 18.12 -34.57
N HIS C 32 -11.24 17.00 -34.74
CA HIS C 32 -12.69 17.03 -34.63
C HIS C 32 -13.15 17.11 -33.18
N PHE C 33 -12.37 16.51 -32.28
CA PHE C 33 -12.69 16.52 -30.87
C PHE C 33 -11.44 16.87 -30.06
N THR C 34 -11.61 17.73 -29.06
CA THR C 34 -10.55 18.05 -28.12
C THR C 34 -10.99 17.67 -26.70
N ILE C 35 -10.15 16.89 -26.01
CA ILE C 35 -10.45 16.40 -24.68
C ILE C 35 -9.32 16.83 -23.76
N ILE C 36 -9.65 17.33 -22.57
CA ILE C 36 -8.64 17.78 -21.61
C ILE C 36 -8.88 17.14 -20.24
N ASN C 37 -7.83 16.59 -19.62
CA ASN C 37 -7.99 16.08 -18.26
C ASN C 37 -7.79 17.21 -17.28
N GLY C 38 -8.84 17.56 -16.54
CA GLY C 38 -8.76 18.74 -15.68
C GLY C 38 -8.60 18.46 -14.19
N GLU C 39 -8.08 17.28 -13.84
CA GLU C 39 -8.25 16.82 -12.46
C GLU C 39 -7.42 17.59 -11.43
N ASN C 40 -6.38 18.29 -11.88
CA ASN C 40 -5.53 19.09 -10.99
C ASN C 40 -5.64 20.59 -11.27
N ALA C 41 -6.66 21.00 -12.01
CA ALA C 41 -6.67 22.34 -12.58
C ALA C 41 -6.86 23.48 -11.57
N ALA C 42 -7.59 23.21 -10.49
CA ALA C 42 -7.86 24.19 -9.45
C ALA C 42 -6.77 24.14 -8.37
N HIS C 43 -5.75 24.98 -8.54
CA HIS C 43 -4.62 25.03 -7.61
C HIS C 43 -4.06 23.66 -7.27
N GLY C 44 -4.03 22.77 -8.25
CA GLY C 44 -3.35 21.50 -8.08
C GLY C 44 -4.25 20.32 -7.80
N LYS C 45 -5.50 20.59 -7.40
CA LYS C 45 -6.44 19.49 -7.17
C LYS C 45 -7.90 19.89 -7.30
N GLY C 46 -8.61 19.16 -8.15
CA GLY C 46 -10.03 19.37 -8.33
C GLY C 46 -10.30 20.39 -9.42
N LEU C 47 -11.58 20.75 -9.53
CA LEU C 47 -12.04 21.61 -10.60
C LEU C 47 -13.13 22.52 -10.06
N THR C 48 -13.01 23.82 -10.31
CA THR C 48 -14.07 24.76 -9.96
C THR C 48 -14.93 24.97 -11.20
N GLU C 49 -16.12 25.55 -11.01
CA GLU C 49 -16.98 25.82 -12.16
C GLU C 49 -16.33 26.84 -13.10
N LYS C 50 -15.65 27.84 -12.54
CA LYS C 50 -15.02 28.88 -13.33
C LYS C 50 -13.97 28.27 -14.26
N ILE C 51 -13.20 27.33 -13.73
CA ILE C 51 -12.15 26.70 -14.52
C ILE C 51 -12.74 25.76 -15.58
N TYR C 52 -13.80 25.04 -15.23
CA TYR C 52 -14.50 24.21 -16.22
C TYR C 52 -14.87 25.05 -17.45
N HIS C 53 -15.52 26.18 -17.22
CA HIS C 53 -15.90 27.05 -18.34
C HIS C 53 -14.66 27.58 -19.09
N SER C 54 -13.60 27.88 -18.36
CA SER C 54 -12.38 28.39 -18.97
C SER C 54 -11.70 27.35 -19.88
N LEU C 55 -11.71 26.09 -19.44
CA LEU C 55 -11.16 25.01 -20.25
C LEU C 55 -11.98 24.80 -21.52
N ILE C 56 -13.30 24.91 -21.41
CA ILE C 56 -14.16 24.81 -22.57
C ILE C 56 -13.84 25.95 -23.52
N GLN C 57 -13.73 27.16 -22.98
CA GLN C 57 -13.43 28.34 -23.81
C GLN C 57 -12.12 28.18 -24.57
N SER C 58 -11.13 27.55 -23.94
CA SER C 58 -9.82 27.38 -24.55
C SER C 58 -9.85 26.38 -25.69
N GLY C 59 -10.97 25.66 -25.84
CA GLY C 59 -11.10 24.73 -26.95
C GLY C 59 -11.52 23.30 -26.61
N ALA C 60 -11.66 22.98 -25.32
CA ALA C 60 -12.09 21.63 -24.96
C ALA C 60 -13.53 21.35 -25.36
N ASP C 61 -13.78 20.19 -25.95
CA ASP C 61 -15.14 19.72 -26.17
C ASP C 61 -15.62 18.87 -24.99
N ALA C 62 -14.68 18.21 -24.31
CA ALA C 62 -14.99 17.40 -23.14
C ALA C 62 -13.86 17.48 -22.11
N ILE C 63 -14.20 17.27 -20.84
CA ILE C 63 -13.23 17.33 -19.77
C ILE C 63 -13.31 16.02 -19.00
N THR C 64 -12.16 15.38 -18.79
CA THR C 64 -12.10 14.16 -18.01
C THR C 64 -11.38 14.42 -16.70
N MET C 65 -11.55 13.51 -15.75
CA MET C 65 -11.06 13.78 -14.40
C MET C 65 -10.26 12.60 -13.81
N GLY C 66 -10.25 12.48 -12.50
CA GLY C 66 -9.36 11.51 -11.87
C GLY C 66 -9.59 11.39 -10.37
N ASN C 67 -8.54 11.04 -9.64
CA ASN C 67 -8.69 10.80 -8.22
C ASN C 67 -8.98 12.06 -7.41
N HIS C 68 -8.67 13.23 -7.96
CA HIS C 68 -8.90 14.51 -7.26
C HIS C 68 -10.21 15.18 -7.63
N THR C 69 -11.08 14.46 -8.34
CA THR C 69 -12.35 15.02 -8.79
C THR C 69 -13.10 15.79 -7.70
N TRP C 70 -13.05 15.29 -6.48
CA TRP C 70 -13.93 15.79 -5.42
C TRP C 70 -13.27 16.78 -4.47
N ASP C 71 -12.05 17.22 -4.79
CA ASP C 71 -11.27 18.02 -3.83
C ASP C 71 -11.76 19.45 -3.65
N LYS C 72 -12.30 20.04 -4.71
CA LYS C 72 -12.95 21.33 -4.60
C LYS C 72 -14.45 21.08 -4.51
N LYS C 73 -15.01 21.30 -3.34
CA LYS C 73 -16.38 20.85 -3.03
C LYS C 73 -17.46 21.50 -3.89
N GLU C 74 -17.15 22.62 -4.53
CA GLU C 74 -18.17 23.24 -5.36
C GLU C 74 -18.54 22.31 -6.53
N ILE C 75 -17.69 21.33 -6.82
CA ILE C 75 -18.02 20.45 -7.94
C ILE C 75 -19.36 19.74 -7.73
N PHE C 76 -19.73 19.50 -6.49
CA PHE C 76 -21.00 18.83 -6.22
C PHE C 76 -22.20 19.65 -6.69
N ASP C 77 -21.99 20.96 -6.82
CA ASP C 77 -23.08 21.85 -7.24
C ASP C 77 -23.13 22.12 -8.75
N PHE C 78 -22.16 21.66 -9.51
CA PHE C 78 -22.23 21.88 -10.96
C PHE C 78 -22.00 20.64 -11.82
N ILE C 79 -21.49 19.57 -11.22
CA ILE C 79 -21.12 18.41 -12.00
C ILE C 79 -22.30 17.80 -12.76
N ASP C 80 -23.49 17.86 -12.17
CA ASP C 80 -24.67 17.29 -12.80
C ASP C 80 -25.34 18.28 -13.78
N ASP C 81 -24.86 19.52 -13.79
CA ASP C 81 -25.54 20.60 -14.52
C ASP C 81 -24.80 21.14 -15.74
N VAL C 82 -23.59 20.66 -16.00
CA VAL C 82 -22.83 21.11 -17.17
C VAL C 82 -22.65 19.94 -18.15
N PRO C 83 -22.43 20.26 -19.44
CA PRO C 83 -22.28 19.19 -20.43
C PRO C 83 -20.83 18.72 -20.61
N ASN C 84 -20.70 17.46 -20.98
CA ASN C 84 -19.42 16.88 -21.37
C ASN C 84 -18.31 16.96 -20.32
N LEU C 85 -18.68 16.87 -19.06
CA LEU C 85 -17.72 16.68 -17.97
C LEU C 85 -17.88 15.25 -17.46
N VAL C 86 -16.80 14.48 -17.45
CA VAL C 86 -16.91 13.14 -16.89
C VAL C 86 -15.92 12.93 -15.76
N ARG C 87 -16.30 12.03 -14.85
CA ARG C 87 -15.43 11.60 -13.75
C ARG C 87 -15.26 10.09 -13.88
N PRO C 88 -14.35 9.50 -13.10
CA PRO C 88 -14.15 8.06 -13.29
C PRO C 88 -15.44 7.26 -13.10
N ALA C 89 -15.76 6.43 -14.09
CA ALA C 89 -17.04 5.74 -14.12
C ALA C 89 -17.18 4.69 -13.04
N ASN C 90 -16.05 4.21 -12.54
CA ASN C 90 -16.07 3.12 -11.56
C ASN C 90 -16.14 3.56 -10.08
N PHE C 91 -16.45 4.82 -9.82
CA PHE C 91 -16.93 5.19 -8.50
C PHE C 91 -18.28 4.49 -8.36
N PRO C 92 -18.67 4.14 -7.12
CA PRO C 92 -19.90 3.37 -6.92
C PRO C 92 -21.18 4.02 -7.47
N GLU C 93 -22.16 3.18 -7.80
CA GLU C 93 -23.49 3.67 -8.14
C GLU C 93 -23.94 4.69 -7.10
N GLY C 94 -24.52 5.79 -7.56
CA GLY C 94 -24.98 6.82 -6.64
C GLY C 94 -24.05 8.03 -6.61
N THR C 95 -22.83 7.85 -7.10
CA THR C 95 -21.86 8.94 -7.17
C THR C 95 -22.38 10.04 -8.09
N PRO C 96 -22.19 11.31 -7.70
CA PRO C 96 -22.59 12.42 -8.57
C PRO C 96 -21.87 12.41 -9.91
N GLY C 97 -22.45 13.02 -10.94
CA GLY C 97 -21.81 13.09 -12.24
C GLY C 97 -21.94 11.81 -13.06
N LYS C 98 -21.23 11.79 -14.19
CA LYS C 98 -21.30 10.70 -15.16
C LYS C 98 -19.89 10.21 -15.48
N GLY C 99 -19.78 8.95 -15.89
CA GLY C 99 -18.50 8.39 -16.29
C GLY C 99 -18.36 8.25 -17.80
N ILE C 100 -19.44 8.60 -18.52
CA ILE C 100 -19.42 8.56 -19.98
C ILE C 100 -20.21 9.74 -20.49
N THR C 101 -19.73 10.32 -21.60
CA THR C 101 -20.46 11.40 -22.26
C THR C 101 -20.31 11.24 -23.77
N TYR C 102 -21.28 11.75 -24.52
CA TYR C 102 -21.26 11.63 -25.97
C TYR C 102 -21.12 13.01 -26.58
N VAL C 103 -20.01 13.25 -27.23
CA VAL C 103 -19.74 14.51 -27.81
C VAL C 103 -20.09 14.51 -29.28
N LYS C 104 -20.92 15.45 -29.66
CA LYS C 104 -21.26 15.63 -31.05
C LYS C 104 -20.60 16.92 -31.49
N ALA C 105 -19.77 16.86 -32.50
CA ALA C 105 -19.01 18.05 -32.80
C ALA C 105 -18.14 17.97 -34.00
N ASN C 106 -18.01 19.11 -34.64
CA ASN C 106 -17.34 19.19 -35.89
C ASN C 106 -17.87 18.14 -36.84
N GLY C 107 -19.18 17.87 -36.74
CA GLY C 107 -19.86 17.03 -37.71
C GLY C 107 -20.08 15.56 -37.37
N LYS C 108 -19.33 15.00 -36.38
CA LYS C 108 -19.38 13.57 -35.92
C LYS C 108 -19.71 13.30 -34.40
N GLU C 109 -19.63 12.05 -33.96
CA GLU C 109 -19.94 11.66 -32.59
C GLU C 109 -18.88 10.78 -31.86
N LEU C 110 -18.55 11.11 -30.64
CA LEU C 110 -17.51 10.38 -29.92
C LEU C 110 -17.95 10.08 -28.50
N ALA C 111 -17.87 8.82 -28.10
CA ALA C 111 -18.13 8.45 -26.71
C ALA C 111 -16.83 8.64 -25.95
N VAL C 112 -16.88 9.40 -24.86
CA VAL C 112 -15.72 9.65 -24.02
C VAL C 112 -15.97 9.02 -22.65
N ILE C 113 -15.10 8.11 -22.26
CA ILE C 113 -15.25 7.34 -21.02
C ILE C 113 -14.04 7.63 -20.14
N ASN C 114 -14.28 7.81 -18.85
CA ASN C 114 -13.22 8.04 -17.87
C ASN C 114 -13.27 6.87 -16.89
N LEU C 115 -12.12 6.28 -16.59
CA LEU C 115 -12.02 5.19 -15.62
C LEU C 115 -10.82 5.46 -14.70
N GLN C 116 -10.80 4.82 -13.53
CA GLN C 116 -9.71 5.01 -12.58
C GLN C 116 -9.17 3.66 -12.14
N GLY C 117 -7.84 3.54 -12.09
CA GLY C 117 -7.20 2.29 -11.70
C GLY C 117 -7.28 2.06 -10.21
N ARG C 118 -6.97 0.85 -9.78
CA ARG C 118 -7.07 0.50 -8.36
C ARG C 118 -5.73 0.15 -7.72
N THR C 119 -4.74 -0.23 -8.53
CA THR C 119 -3.42 -0.51 -7.99
C THR C 119 -2.81 0.79 -7.42
N PHE C 120 -2.42 0.74 -6.15
CA PHE C 120 -1.85 1.88 -5.44
C PHE C 120 -2.85 3.03 -5.26
N LEU C 121 -4.13 2.73 -5.48
CA LEU C 121 -5.21 3.73 -5.43
C LEU C 121 -6.37 3.19 -4.60
N PRO C 122 -7.43 3.99 -4.39
CA PRO C 122 -8.53 3.47 -3.58
C PRO C 122 -9.30 2.33 -4.24
N PRO C 123 -9.96 1.48 -3.43
CA PRO C 123 -10.68 0.33 -3.98
C PRO C 123 -12.03 0.68 -4.61
N LEU C 124 -12.01 1.25 -5.79
CA LEU C 124 -13.22 1.51 -6.51
C LEU C 124 -13.77 0.20 -7.10
N ASP C 125 -14.83 0.33 -7.90
CA ASP C 125 -15.35 -0.84 -8.60
C ASP C 125 -14.34 -1.25 -9.68
N ASP C 126 -14.41 -2.50 -10.14
CA ASP C 126 -13.44 -3.00 -11.11
C ASP C 126 -13.53 -2.21 -12.41
N PRO C 127 -12.42 -1.58 -12.83
CA PRO C 127 -12.47 -0.82 -14.08
C PRO C 127 -12.53 -1.69 -15.33
N PHE C 128 -12.09 -2.95 -15.25
CA PHE C 128 -12.18 -3.85 -16.39
C PHE C 128 -13.63 -4.19 -16.73
N LEU C 129 -14.40 -4.66 -15.74
CA LEU C 129 -15.82 -4.92 -15.95
C LEU C 129 -16.56 -3.64 -16.32
N LYS C 130 -16.18 -2.53 -15.69
CA LYS C 130 -16.84 -1.25 -15.97
C LYS C 130 -16.57 -0.85 -17.43
N ALA C 131 -15.35 -1.06 -17.89
CA ALA C 131 -15.02 -0.78 -19.29
C ALA C 131 -15.89 -1.60 -20.24
N ASP C 132 -16.03 -2.90 -19.96
CA ASP C 132 -16.94 -3.75 -20.73
C ASP C 132 -18.34 -3.15 -20.78
N GLU C 133 -18.85 -2.77 -19.61
CA GLU C 133 -20.21 -2.25 -19.49
C GLU C 133 -20.40 -0.97 -20.30
N LEU C 134 -19.45 -0.04 -20.19
CA LEU C 134 -19.59 1.24 -20.86
C LEU C 134 -19.30 1.17 -22.36
N ILE C 135 -18.34 0.33 -22.76
CA ILE C 135 -18.12 0.09 -24.17
C ILE C 135 -19.40 -0.50 -24.79
N ALA C 136 -20.03 -1.47 -24.09
CA ALA C 136 -21.27 -2.01 -24.68
C ALA C 136 -22.37 -0.96 -24.77
N GLU C 137 -22.50 -0.10 -23.76
CA GLU C 137 -23.46 1.00 -23.83
CA GLU C 137 -23.46 1.00 -23.83
C GLU C 137 -23.14 1.92 -25.01
N ALA C 138 -21.87 2.29 -25.14
CA ALA C 138 -21.48 3.23 -26.19
C ALA C 138 -21.70 2.63 -27.56
N ALA C 139 -21.42 1.33 -27.67
CA ALA C 139 -21.52 0.64 -28.95
C ALA C 139 -22.97 0.40 -29.38
N LYS C 140 -23.95 0.74 -28.53
CA LYS C 140 -25.33 0.76 -29.02
C LYS C 140 -25.51 1.97 -29.94
N ARG C 141 -24.72 3.02 -29.69
CA ARG C 141 -24.93 4.29 -30.37
C ARG C 141 -23.84 4.70 -31.36
N THR C 142 -22.56 4.50 -31.02
CA THR C 142 -21.46 4.96 -31.87
C THR C 142 -20.27 4.02 -31.89
N PRO C 143 -19.57 3.93 -33.03
CA PRO C 143 -18.38 3.08 -33.11
C PRO C 143 -17.13 3.78 -32.60
N TYR C 144 -17.24 5.07 -32.31
CA TYR C 144 -16.09 5.86 -31.89
C TYR C 144 -16.05 6.01 -30.37
N ILE C 145 -15.05 5.39 -29.75
CA ILE C 145 -15.02 5.27 -28.30
C ILE C 145 -13.63 5.59 -27.78
N PHE C 146 -13.55 6.57 -26.89
CA PHE C 146 -12.28 7.02 -26.33
C PHE C 146 -12.26 6.82 -24.82
N ILE C 147 -11.18 6.25 -24.29
CA ILE C 147 -11.08 6.02 -22.84
C ILE C 147 -9.87 6.76 -22.25
N ASP C 148 -10.11 7.59 -21.24
CA ASP C 148 -9.04 8.14 -20.41
C ASP C 148 -8.98 7.33 -19.13
N PHE C 149 -7.95 6.49 -19.01
CA PHE C 149 -7.75 5.63 -17.85
C PHE C 149 -6.73 6.27 -16.90
N HIS C 150 -7.23 6.71 -15.75
CA HIS C 150 -6.43 7.43 -14.76
C HIS C 150 -5.91 6.43 -13.73
N ALA C 151 -4.63 6.09 -13.81
CA ALA C 151 -4.10 4.94 -13.05
C ALA C 151 -2.62 5.11 -12.77
N GLU C 152 -2.13 4.42 -11.74
CA GLU C 152 -0.73 4.53 -11.35
C GLU C 152 0.14 3.44 -11.96
N ALA C 153 -0.33 2.20 -11.90
CA ALA C 153 0.47 1.04 -12.30
C ALA C 153 0.55 0.83 -13.81
N THR C 154 1.76 0.74 -14.34
CA THR C 154 1.91 0.47 -15.77
C THR C 154 1.27 -0.86 -16.13
N SER C 155 1.33 -1.85 -15.23
CA SER C 155 0.74 -3.15 -15.54
C SER C 155 -0.76 -2.98 -15.78
N GLU C 156 -1.40 -2.20 -14.93
CA GLU C 156 -2.85 -2.05 -15.02
C GLU C 156 -3.26 -1.27 -16.27
N LYS C 157 -2.49 -0.25 -16.61
CA LYS C 157 -2.79 0.52 -17.80
C LYS C 157 -2.65 -0.30 -19.07
N LEU C 158 -1.54 -1.01 -19.17
CA LEU C 158 -1.33 -1.84 -20.36
C LEU C 158 -2.39 -2.92 -20.44
N ALA C 159 -2.73 -3.49 -19.29
CA ALA C 159 -3.71 -4.55 -19.27
C ALA C 159 -5.04 -4.05 -19.83
N LEU C 160 -5.45 -2.86 -19.43
CA LEU C 160 -6.72 -2.34 -19.92
C LEU C 160 -6.65 -2.05 -21.42
N GLY C 161 -5.53 -1.51 -21.87
CA GLY C 161 -5.37 -1.22 -23.30
C GLY C 161 -5.49 -2.49 -24.13
N TRP C 162 -4.73 -3.49 -23.75
CA TRP C 162 -4.82 -4.77 -24.45
C TRP C 162 -6.22 -5.39 -24.32
N TYR C 163 -6.81 -5.30 -23.15
CA TYR C 163 -8.14 -5.88 -22.91
C TYR C 163 -9.20 -5.29 -23.81
N THR C 164 -9.07 -4.00 -24.12
CA THR C 164 -10.09 -3.31 -24.91
C THR C 164 -9.72 -3.15 -26.39
N ASP C 165 -8.59 -3.72 -26.79
CA ASP C 165 -8.12 -3.60 -28.16
C ASP C 165 -9.20 -4.14 -29.11
N GLY C 166 -9.52 -3.36 -30.14
CA GLY C 166 -10.54 -3.73 -31.10
C GLY C 166 -11.95 -3.32 -30.68
N ARG C 167 -12.09 -2.82 -29.47
CA ARG C 167 -13.39 -2.44 -28.94
C ARG C 167 -13.44 -0.95 -28.63
N ALA C 168 -12.38 -0.41 -28.05
CA ALA C 168 -12.24 1.04 -27.93
C ALA C 168 -11.44 1.56 -29.12
N SER C 169 -11.71 2.80 -29.53
CA SER C 169 -10.95 3.41 -30.61
C SER C 169 -9.57 3.80 -30.11
N ALA C 170 -9.53 4.30 -28.88
CA ALA C 170 -8.29 4.72 -28.27
C ALA C 170 -8.40 4.63 -26.76
N VAL C 171 -7.28 4.28 -26.13
CA VAL C 171 -7.19 4.23 -24.67
C VAL C 171 -5.92 4.98 -24.31
N VAL C 172 -6.06 6.06 -23.55
CA VAL C 172 -4.87 6.79 -23.13
C VAL C 172 -4.79 6.80 -21.61
N GLY C 173 -3.56 6.74 -21.10
CA GLY C 173 -3.36 6.77 -19.66
C GLY C 173 -3.11 8.18 -19.16
N THR C 174 -3.59 8.46 -17.95
CA THR C 174 -3.22 9.67 -17.22
C THR C 174 -2.92 9.28 -15.76
N HIS C 175 -2.43 10.26 -15.00
CA HIS C 175 -2.29 10.27 -13.54
C HIS C 175 -0.83 10.40 -13.08
N THR C 176 0.13 9.79 -13.76
CA THR C 176 1.50 9.81 -13.23
C THR C 176 2.26 11.10 -13.56
N HIS C 177 1.68 11.93 -14.41
CA HIS C 177 2.26 13.23 -14.76
C HIS C 177 3.60 13.16 -15.52
N VAL C 178 3.89 12.00 -16.10
CA VAL C 178 5.08 11.86 -16.93
C VAL C 178 4.70 11.17 -18.23
N GLN C 179 4.93 11.83 -19.37
CA GLN C 179 4.58 11.24 -20.65
C GLN C 179 5.42 10.00 -20.96
N THR C 180 4.78 8.95 -21.45
CA THR C 180 5.52 7.77 -21.85
C THR C 180 5.79 7.79 -23.35
N ALA C 181 6.77 7.00 -23.78
CA ALA C 181 7.21 6.99 -25.16
C ALA C 181 6.65 5.82 -25.93
N ASP C 182 5.69 5.10 -25.33
CA ASP C 182 5.18 3.85 -25.87
C ASP C 182 3.88 3.97 -26.67
N ASN C 183 3.59 5.16 -27.20
CA ASN C 183 2.45 5.32 -28.09
C ASN C 183 2.54 4.33 -29.27
N ARG C 184 1.46 3.60 -29.51
CA ARG C 184 1.45 2.60 -30.57
C ARG C 184 0.01 2.29 -30.92
N ILE C 185 -0.19 1.64 -32.05
CA ILE C 185 -1.51 1.08 -32.37
C ILE C 185 -1.49 -0.42 -32.11
N LEU C 186 -2.37 -0.87 -31.24
CA LEU C 186 -2.43 -2.29 -30.88
C LEU C 186 -2.96 -3.12 -32.06
N PRO C 187 -2.78 -4.44 -32.00
CA PRO C 187 -3.03 -5.28 -33.19
C PRO C 187 -4.43 -5.21 -33.79
N LYS C 188 -5.46 -4.98 -32.97
CA LYS C 188 -6.84 -4.91 -33.49
C LYS C 188 -7.29 -3.47 -33.78
N GLY C 189 -6.35 -2.53 -33.66
CA GLY C 189 -6.55 -1.17 -34.18
C GLY C 189 -6.73 -0.07 -33.16
N THR C 190 -6.63 -0.41 -31.88
CA THR C 190 -6.82 0.58 -30.82
C THR C 190 -5.54 1.38 -30.57
N ALA C 191 -5.65 2.70 -30.65
CA ALA C 191 -4.54 3.58 -30.33
C ALA C 191 -4.28 3.51 -28.82
N TYR C 192 -3.02 3.53 -28.42
CA TYR C 192 -2.68 3.35 -27.02
C TYR C 192 -1.43 4.11 -26.59
N ILE C 193 -1.47 4.68 -25.38
CA ILE C 193 -0.29 5.25 -24.74
C ILE C 193 -0.43 5.09 -23.22
N THR C 194 0.66 4.71 -22.54
CA THR C 194 0.59 4.45 -21.10
C THR C 194 0.32 5.68 -20.24
N ASP C 195 0.96 6.80 -20.57
CA ASP C 195 0.62 8.06 -19.92
C ASP C 195 0.89 9.24 -20.84
N VAL C 196 -0.11 10.10 -20.95
CA VAL C 196 0.01 11.27 -21.80
C VAL C 196 0.92 12.30 -21.15
N GLY C 197 1.02 12.27 -19.83
CA GLY C 197 1.77 13.29 -19.10
C GLY C 197 0.94 14.42 -18.52
N MET C 198 1.61 15.50 -18.12
CA MET C 198 0.93 16.62 -17.48
C MET C 198 1.14 17.92 -18.24
N THR C 199 0.30 18.90 -17.89
CA THR C 199 0.33 20.24 -18.45
C THR C 199 0.36 21.20 -17.27
N GLY C 200 1.47 21.93 -17.12
CA GLY C 200 1.71 22.71 -15.93
C GLY C 200 3.19 22.99 -15.74
N PRO C 201 3.62 23.15 -14.48
CA PRO C 201 5.05 23.45 -14.25
C PRO C 201 5.95 22.34 -14.78
N TYR C 202 7.05 22.74 -15.43
CA TYR C 202 8.03 21.81 -15.99
C TYR C 202 9.13 21.48 -14.98
N ASP C 203 9.41 22.40 -14.07
CA ASP C 203 10.54 22.27 -13.17
C ASP C 203 10.12 22.05 -11.71
N GLY C 204 8.92 21.52 -11.52
CA GLY C 204 8.52 21.05 -10.20
C GLY C 204 8.73 19.55 -10.16
N ILE C 205 8.10 18.90 -9.18
CA ILE C 205 8.01 17.45 -9.16
C ILE C 205 6.55 17.11 -9.41
N LEU C 206 6.25 16.69 -10.64
CA LEU C 206 4.87 16.44 -11.04
C LEU C 206 3.98 17.67 -10.87
N GLY C 207 4.58 18.86 -10.96
CA GLY C 207 3.83 20.09 -10.82
C GLY C 207 3.99 20.78 -9.47
N MET C 208 4.56 20.07 -8.50
CA MET C 208 4.64 20.60 -7.14
C MET C 208 6.01 21.20 -6.87
N ASP C 209 6.05 22.16 -5.95
CA ASP C 209 7.31 22.80 -5.58
C ASP C 209 8.36 21.77 -5.19
N ARG C 210 9.53 21.84 -5.81
CA ARG C 210 10.56 20.82 -5.61
C ARG C 210 11.03 20.70 -4.18
N GLU C 211 11.23 21.82 -3.51
CA GLU C 211 11.80 21.74 -2.17
C GLU C 211 10.83 21.08 -1.18
N THR C 212 9.54 21.32 -1.33
CA THR C 212 8.55 20.69 -0.46
C THR C 212 8.54 19.18 -0.66
N ILE C 213 8.56 18.76 -1.92
CA ILE C 213 8.52 17.33 -2.21
C ILE C 213 9.78 16.62 -1.75
N ILE C 214 10.94 17.19 -2.05
CA ILE C 214 12.20 16.62 -1.60
C ILE C 214 12.23 16.54 -0.07
N LYS C 215 11.77 17.60 0.60
CA LYS C 215 11.74 17.60 2.07
C LYS C 215 10.91 16.44 2.62
N ARG C 216 9.75 16.21 2.02
CA ARG C 216 8.91 15.11 2.47
C ARG C 216 9.60 13.77 2.30
N PHE C 217 10.29 13.57 1.18
CA PHE C 217 11.02 12.33 1.00
C PHE C 217 12.12 12.14 2.02
N LYS C 218 12.82 13.22 2.35
CA LYS C 218 13.98 13.13 3.24
C LYS C 218 13.63 13.08 4.72
N THR C 219 12.54 13.72 5.11
CA THR C 219 12.22 13.88 6.53
C THR C 219 11.01 13.07 7.01
N ASN C 220 10.16 12.67 6.07
CA ASN C 220 8.89 12.01 6.42
C ASN C 220 7.96 12.93 7.22
N LEU C 221 8.26 14.23 7.23
CA LEU C 221 7.43 15.20 7.94
C LEU C 221 6.42 15.85 6.99
N PRO C 222 5.33 16.43 7.53
CA PRO C 222 4.36 17.12 6.66
C PRO C 222 4.98 18.30 5.94
N VAL C 223 4.48 18.61 4.74
CA VAL C 223 4.90 19.80 4.01
C VAL C 223 3.69 20.53 3.44
N ARG C 224 3.86 21.81 3.13
CA ARG C 224 2.82 22.60 2.50
C ARG C 224 2.53 22.08 1.11
N PHE C 225 1.25 22.13 0.71
CA PHE C 225 0.87 21.79 -0.65
C PHE C 225 1.07 23.05 -1.47
N THR C 226 2.03 23.02 -2.39
CA THR C 226 2.43 24.21 -3.12
C THR C 226 2.73 23.88 -4.57
N VAL C 227 1.97 24.47 -5.48
CA VAL C 227 2.21 24.29 -6.92
C VAL C 227 3.45 25.07 -7.33
N ALA C 228 4.29 24.45 -8.18
CA ALA C 228 5.59 25.04 -8.54
C ALA C 228 5.50 26.31 -9.40
N GLU C 229 6.49 27.18 -9.24
CA GLU C 229 6.66 28.35 -10.09
C GLU C 229 7.60 27.99 -11.23
N GLY C 230 7.76 28.88 -12.20
CA GLY C 230 8.76 28.71 -13.24
C GLY C 230 8.28 28.20 -14.59
N LYS C 231 9.20 27.63 -15.36
CA LYS C 231 8.93 27.15 -16.72
C LYS C 231 7.74 26.21 -16.76
N THR C 232 7.02 26.22 -17.89
CA THR C 232 5.84 25.36 -18.02
C THR C 232 5.95 24.38 -19.18
N THR C 233 5.06 23.40 -19.19
CA THR C 233 5.08 22.34 -20.18
C THR C 233 3.65 21.95 -20.50
N LEU C 234 3.44 21.43 -21.71
CA LEU C 234 2.17 20.83 -22.06
C LEU C 234 2.42 19.47 -22.68
N SER C 235 1.58 18.49 -22.31
CA SER C 235 1.68 17.14 -22.85
C SER C 235 0.34 16.75 -23.44
N GLY C 236 0.38 16.08 -24.58
CA GLY C 236 -0.84 15.66 -25.23
C GLY C 236 -0.59 14.58 -26.26
N VAL C 237 -1.67 14.10 -26.88
CA VAL C 237 -1.54 13.21 -28.03
C VAL C 237 -2.54 13.64 -29.10
N VAL C 238 -2.22 13.34 -30.35
CA VAL C 238 -3.15 13.54 -31.46
C VAL C 238 -3.39 12.18 -32.10
N ILE C 239 -4.65 11.77 -32.19
CA ILE C 239 -4.98 10.43 -32.63
C ILE C 239 -5.90 10.49 -33.84
N ASP C 240 -5.57 9.71 -34.88
CA ASP C 240 -6.41 9.63 -36.08
C ASP C 240 -7.08 8.29 -36.18
N ILE C 241 -8.40 8.32 -36.37
CA ILE C 241 -9.19 7.11 -36.56
C ILE C 241 -9.73 7.10 -37.99
N ASP C 242 -9.59 5.96 -38.66
CA ASP C 242 -10.13 5.82 -40.01
C ASP C 242 -11.66 5.72 -39.97
N ASP C 243 -12.33 6.59 -40.70
CA ASP C 243 -13.79 6.70 -40.65
C ASP C 243 -14.50 5.51 -41.28
N GLN C 244 -13.78 4.75 -42.09
CA GLN C 244 -14.35 3.57 -42.71
C GLN C 244 -14.00 2.28 -41.97
N THR C 245 -12.72 2.08 -41.63
CA THR C 245 -12.32 0.85 -40.94
C THR C 245 -12.48 0.89 -39.43
N LYS C 246 -12.61 2.10 -38.88
CA LYS C 246 -12.69 2.30 -37.43
C LYS C 246 -11.38 2.04 -36.70
N LYS C 247 -10.35 1.64 -37.44
CA LYS C 247 -9.03 1.44 -36.81
C LYS C 247 -8.34 2.78 -36.61
N ALA C 248 -7.59 2.90 -35.53
CA ALA C 248 -6.73 4.05 -35.37
C ALA C 248 -5.57 3.90 -36.36
N VAL C 249 -5.14 4.99 -36.99
CA VAL C 249 -4.07 4.90 -37.97
C VAL C 249 -2.82 5.71 -37.61
N LYS C 250 -2.94 6.57 -36.60
CA LYS C 250 -1.79 7.31 -36.13
C LYS C 250 -2.01 7.77 -34.70
N ILE C 251 -0.97 7.72 -33.88
CA ILE C 251 -1.01 8.35 -32.57
C ILE C 251 0.31 9.08 -32.35
N GLU C 252 0.24 10.40 -32.26
CA GLU C 252 1.44 11.23 -32.21
C GLU C 252 1.48 11.96 -30.87
N ARG C 253 2.62 11.87 -30.17
CA ARG C 253 2.78 12.60 -28.92
C ARG C 253 3.04 14.09 -29.14
N ILE C 254 2.49 14.90 -28.24
CA ILE C 254 2.74 16.33 -28.21
C ILE C 254 3.48 16.68 -26.93
N LEU C 255 4.60 17.38 -27.06
CA LEU C 255 5.29 17.96 -25.90
C LEU C 255 5.66 19.38 -26.26
N ILE C 256 5.32 20.32 -25.37
CA ILE C 256 5.67 21.71 -25.57
C ILE C 256 6.34 22.23 -24.29
N ASN C 257 7.65 22.48 -24.39
CA ASN C 257 8.43 23.06 -23.30
C ASN C 257 9.78 23.51 -23.85
N ASP C 258 10.66 23.99 -22.97
CA ASP C 258 11.98 24.46 -23.39
C ASP C 258 12.79 23.45 -24.18
N ASP C 259 12.54 22.16 -23.97
CA ASP C 259 13.27 21.11 -24.65
C ASP C 259 12.56 20.63 -25.93
N HIS C 260 11.34 21.13 -26.12
CA HIS C 260 10.51 20.77 -27.27
C HIS C 260 9.70 21.98 -27.70
N MET C 261 10.34 22.87 -28.47
CA MET C 261 9.68 24.10 -28.87
C MET C 261 8.49 23.80 -29.76
N PHE C 262 7.47 24.65 -29.68
CA PHE C 262 6.28 24.50 -30.49
C PHE C 262 6.47 25.23 -31.81
N PHE C 263 6.15 24.55 -32.90
CA PHE C 263 6.16 25.19 -34.21
C PHE C 263 4.75 25.23 -34.75
N GLU C 264 4.29 26.43 -35.10
CA GLU C 264 2.95 26.61 -35.62
C GLU C 264 2.83 25.96 -37.00
N MET D 1 32.58 11.87 -22.46
CA MET D 1 32.36 10.47 -22.18
C MET D 1 30.94 10.06 -22.54
N ARG D 2 30.79 8.92 -23.19
CA ARG D 2 29.48 8.44 -23.62
C ARG D 2 29.05 7.15 -22.92
N ILE D 3 27.83 7.15 -22.41
CA ILE D 3 27.29 5.99 -21.70
C ILE D 3 26.08 5.41 -22.45
N LEU D 4 26.08 4.10 -22.62
CA LEU D 4 24.92 3.40 -23.17
C LEU D 4 24.30 2.57 -22.05
N PHE D 5 23.01 2.78 -21.78
CA PHE D 5 22.33 2.04 -20.72
C PHE D 5 21.12 1.31 -21.29
N ILE D 6 20.99 0.04 -20.92
CA ILE D 6 19.92 -0.81 -21.42
C ILE D 6 18.96 -1.14 -20.27
N GLY D 7 17.68 -0.86 -20.48
CA GLY D 7 16.66 -1.08 -19.45
C GLY D 7 16.27 -2.53 -19.22
N ASP D 8 15.64 -2.78 -18.07
CA ASP D 8 15.35 -4.12 -17.52
C ASP D 8 15.25 -5.22 -18.56
N VAL D 9 16.21 -6.13 -18.55
CA VAL D 9 16.19 -7.28 -19.44
C VAL D 9 15.24 -8.37 -18.88
N VAL D 10 14.21 -8.71 -19.64
CA VAL D 10 13.19 -9.64 -19.14
C VAL D 10 13.28 -10.99 -19.85
N GLY D 11 13.78 -11.98 -19.12
CA GLY D 11 13.73 -13.36 -19.59
C GLY D 11 14.58 -13.60 -20.82
N SER D 12 14.34 -14.73 -21.45
CA SER D 12 15.09 -15.11 -22.65
C SER D 12 14.82 -14.20 -23.81
N PRO D 13 13.60 -13.75 -24.00
CA PRO D 13 13.45 -12.80 -25.12
C PRO D 13 14.27 -11.54 -24.93
N GLY D 14 14.38 -11.06 -23.68
CA GLY D 14 15.19 -9.91 -23.38
C GLY D 14 16.66 -10.20 -23.66
N ARG D 15 17.10 -11.37 -23.23
CA ARG D 15 18.48 -11.79 -23.47
C ARG D 15 18.77 -11.89 -24.97
N ASP D 16 17.80 -12.41 -25.73
CA ASP D 16 17.93 -12.48 -27.19
C ASP D 16 18.11 -11.08 -27.79
N MET D 17 17.33 -10.11 -27.34
CA MET D 17 17.44 -8.75 -27.86
C MET D 17 18.80 -8.15 -27.53
N VAL D 18 19.26 -8.38 -26.31
CA VAL D 18 20.57 -7.87 -25.90
C VAL D 18 21.67 -8.46 -26.79
N LYS D 19 21.64 -9.77 -26.95
CA LYS D 19 22.67 -10.46 -27.75
C LYS D 19 22.76 -9.91 -29.17
N GLU D 20 21.61 -9.64 -29.78
CA GLU D 20 21.60 -9.11 -31.14
C GLU D 20 21.93 -7.62 -31.22
N TYR D 21 21.32 -6.81 -30.34
CA TYR D 21 21.34 -5.38 -30.55
C TYR D 21 22.38 -4.58 -29.76
N VAL D 22 22.83 -5.10 -28.63
CA VAL D 22 23.83 -4.34 -27.88
C VAL D 22 25.11 -4.17 -28.69
N PRO D 23 25.59 -5.25 -29.35
CA PRO D 23 26.75 -5.08 -30.23
C PRO D 23 26.51 -4.06 -31.34
N LYS D 24 25.31 -4.07 -31.94
CA LYS D 24 24.98 -3.09 -32.98
C LYS D 24 24.93 -1.69 -32.42
N LEU D 25 24.36 -1.54 -31.23
CA LEU D 25 24.32 -0.26 -30.57
C LEU D 25 25.71 0.25 -30.24
N LYS D 26 26.61 -0.65 -29.85
CA LYS D 26 27.96 -0.24 -29.48
C LYS D 26 28.73 0.20 -30.73
N THR D 27 28.48 -0.50 -31.82
CA THR D 27 29.05 -0.10 -33.11
C THR D 27 28.56 1.28 -33.54
N LYS D 28 27.25 1.50 -33.42
CA LYS D 28 26.63 2.73 -33.86
C LYS D 28 27.03 3.94 -33.01
N TYR D 29 27.00 3.78 -31.68
CA TYR D 29 27.20 4.93 -30.80
C TYR D 29 28.60 5.02 -30.18
N LYS D 30 29.36 3.94 -30.26
CA LYS D 30 30.70 3.88 -29.67
C LYS D 30 30.78 4.43 -28.25
N PRO D 31 30.02 3.82 -27.33
CA PRO D 31 30.02 4.31 -25.94
C PRO D 31 31.31 3.91 -25.24
N HIS D 32 31.78 4.75 -24.32
CA HIS D 32 32.88 4.36 -23.46
C HIS D 32 32.41 3.36 -22.40
N PHE D 33 31.17 3.48 -21.96
CA PHE D 33 30.64 2.61 -20.91
C PHE D 33 29.29 2.07 -21.32
N THR D 34 29.07 0.78 -21.07
CA THR D 34 27.79 0.13 -21.39
C THR D 34 27.28 -0.57 -20.12
N ILE D 35 26.07 -0.21 -19.71
CA ILE D 35 25.47 -0.67 -18.47
C ILE D 35 24.13 -1.31 -18.80
N ILE D 36 23.85 -2.47 -18.22
CA ILE D 36 22.56 -3.14 -18.44
C ILE D 36 21.89 -3.48 -17.12
N ASN D 37 20.60 -3.20 -17.01
CA ASN D 37 19.88 -3.66 -15.83
C ASN D 37 19.37 -5.08 -16.06
N GLY D 38 19.88 -6.02 -15.27
CA GLY D 38 19.62 -7.42 -15.50
C GLY D 38 18.65 -8.04 -14.50
N GLU D 39 17.84 -7.22 -13.84
CA GLU D 39 17.08 -7.71 -12.69
C GLU D 39 16.00 -8.74 -13.03
N ASN D 40 15.57 -8.80 -14.29
CA ASN D 40 14.55 -9.78 -14.69
C ASN D 40 15.10 -10.81 -15.66
N ALA D 41 16.42 -10.88 -15.76
CA ALA D 41 17.05 -11.61 -16.87
C ALA D 41 16.87 -13.14 -16.81
N ALA D 42 16.76 -13.69 -15.61
CA ALA D 42 16.63 -15.13 -15.43
C ALA D 42 15.18 -15.54 -15.39
N HIS D 43 14.64 -15.88 -16.56
CA HIS D 43 13.23 -16.24 -16.67
C HIS D 43 12.30 -15.26 -15.97
N GLY D 44 12.65 -13.98 -16.05
CA GLY D 44 11.76 -12.93 -15.60
C GLY D 44 12.07 -12.36 -14.23
N LYS D 45 12.90 -13.04 -13.45
CA LYS D 45 13.28 -12.48 -12.16
C LYS D 45 14.59 -13.01 -11.64
N GLY D 46 15.49 -12.10 -11.30
CA GLY D 46 16.78 -12.47 -10.74
C GLY D 46 17.83 -12.70 -11.81
N LEU D 47 18.98 -13.20 -11.38
CA LEU D 47 20.14 -13.34 -12.24
C LEU D 47 20.92 -14.58 -11.83
N THR D 48 21.26 -15.40 -12.81
CA THR D 48 22.12 -16.55 -12.58
C THR D 48 23.54 -16.19 -13.00
N GLU D 49 24.51 -16.98 -12.56
CA GLU D 49 25.88 -16.70 -12.89
C GLU D 49 26.08 -16.82 -14.40
N LYS D 50 25.48 -17.85 -15.00
CA LYS D 50 25.59 -18.05 -16.44
C LYS D 50 25.10 -16.82 -17.21
N ILE D 51 23.99 -16.25 -16.75
CA ILE D 51 23.42 -15.09 -17.44
C ILE D 51 24.25 -13.83 -17.19
N TYR D 52 24.80 -13.70 -15.98
CA TYR D 52 25.69 -12.60 -15.72
C TYR D 52 26.81 -12.60 -16.76
N HIS D 53 27.42 -13.76 -16.97
CA HIS D 53 28.52 -13.84 -17.91
C HIS D 53 28.04 -13.57 -19.34
N SER D 54 26.85 -14.05 -19.67
CA SER D 54 26.33 -13.83 -21.02
C SER D 54 26.04 -12.36 -21.29
N LEU D 55 25.58 -11.61 -20.28
CA LEU D 55 25.32 -10.18 -20.49
C LEU D 55 26.62 -9.40 -20.72
N ILE D 56 27.67 -9.76 -19.97
CA ILE D 56 28.98 -9.18 -20.19
C ILE D 56 29.46 -9.54 -21.60
N GLN D 57 29.33 -10.81 -21.96
CA GLN D 57 29.73 -11.29 -23.27
C GLN D 57 29.06 -10.47 -24.38
N SER D 58 27.81 -10.07 -24.17
CA SER D 58 27.08 -9.29 -25.18
C SER D 58 27.53 -7.83 -25.29
N GLY D 59 28.31 -7.35 -24.33
CA GLY D 59 28.88 -6.01 -24.42
C GLY D 59 28.78 -5.15 -23.17
N ALA D 60 28.11 -5.65 -22.15
CA ALA D 60 27.98 -4.91 -20.88
C ALA D 60 29.32 -4.78 -20.16
N ASP D 61 29.59 -3.59 -19.63
CA ASP D 61 30.74 -3.37 -18.75
C ASP D 61 30.31 -3.52 -17.29
N ALA D 62 29.05 -3.18 -17.00
CA ALA D 62 28.51 -3.28 -15.65
C ALA D 62 27.03 -3.65 -15.70
N ILE D 63 26.58 -4.36 -14.68
CA ILE D 63 25.19 -4.83 -14.63
C ILE D 63 24.57 -4.27 -13.35
N THR D 64 23.42 -3.62 -13.49
CA THR D 64 22.69 -3.10 -12.33
C THR D 64 21.45 -3.96 -12.09
N MET D 65 20.86 -3.85 -10.89
CA MET D 65 19.75 -4.73 -10.53
C MET D 65 18.57 -3.97 -9.90
N GLY D 66 17.84 -4.63 -9.02
CA GLY D 66 16.63 -4.03 -8.50
C GLY D 66 15.97 -4.93 -7.48
N ASN D 67 14.64 -4.90 -7.45
CA ASN D 67 13.92 -5.57 -6.38
C ASN D 67 13.93 -7.10 -6.50
N HIS D 68 14.25 -7.62 -7.67
CA HIS D 68 14.33 -9.06 -7.87
C HIS D 68 15.72 -9.63 -7.75
N THR D 69 16.63 -8.84 -7.25
CA THR D 69 18.03 -9.26 -7.15
C THR D 69 18.21 -10.65 -6.54
N TRP D 70 17.39 -10.98 -5.56
CA TRP D 70 17.62 -12.18 -4.72
C TRP D 70 16.78 -13.38 -5.13
N ASP D 71 16.07 -13.29 -6.24
CA ASP D 71 15.09 -14.33 -6.58
C ASP D 71 15.71 -15.66 -7.05
N LYS D 72 16.86 -15.58 -7.70
CA LYS D 72 17.59 -16.79 -8.05
C LYS D 72 18.71 -16.96 -7.03
N LYS D 73 18.53 -17.94 -6.15
CA LYS D 73 19.36 -18.03 -4.95
C LYS D 73 20.83 -18.25 -5.21
N GLU D 74 21.19 -18.72 -6.39
CA GLU D 74 22.61 -18.91 -6.66
C GLU D 74 23.35 -17.58 -6.61
N ILE D 75 22.63 -16.46 -6.70
CA ILE D 75 23.31 -15.18 -6.65
C ILE D 75 24.09 -15.02 -5.35
N PHE D 76 23.63 -15.66 -4.28
CA PHE D 76 24.35 -15.52 -3.01
C PHE D 76 25.75 -16.12 -3.06
N ASP D 77 26.01 -17.00 -4.02
CA ASP D 77 27.31 -17.67 -4.12
C ASP D 77 28.25 -17.04 -5.17
N PHE D 78 27.77 -16.08 -5.96
CA PHE D 78 28.66 -15.44 -6.93
C PHE D 78 28.69 -13.91 -6.86
N ILE D 79 27.74 -13.30 -6.17
CA ILE D 79 27.61 -11.85 -6.25
C ILE D 79 28.87 -11.14 -5.74
N ASP D 80 29.49 -11.70 -4.72
CA ASP D 80 30.67 -11.07 -4.14
C ASP D 80 31.93 -11.45 -4.91
N ASP D 81 31.77 -12.26 -5.96
CA ASP D 81 32.91 -12.87 -6.65
C ASP D 81 33.13 -12.42 -8.10
N VAL D 82 32.19 -11.66 -8.66
CA VAL D 82 32.32 -11.19 -10.04
C VAL D 82 32.48 -9.67 -10.07
N PRO D 83 33.08 -9.13 -11.14
CA PRO D 83 33.29 -7.68 -11.20
C PRO D 83 32.09 -6.92 -11.77
N ASN D 84 31.96 -5.68 -11.33
CA ASN D 84 30.98 -4.74 -11.88
C ASN D 84 29.53 -5.20 -11.89
N LEU D 85 29.14 -5.95 -10.87
CA LEU D 85 27.73 -6.24 -10.62
C LEU D 85 27.31 -5.42 -9.41
N VAL D 86 26.22 -4.66 -9.55
CA VAL D 86 25.72 -3.92 -8.40
C VAL D 86 24.24 -4.22 -8.12
N ARG D 87 23.88 -4.12 -6.85
CA ARG D 87 22.50 -4.22 -6.42
C ARG D 87 22.14 -2.93 -5.70
N PRO D 88 20.85 -2.71 -5.41
CA PRO D 88 20.49 -1.43 -4.78
C PRO D 88 21.28 -1.18 -3.49
N ALA D 89 21.91 -0.02 -3.42
CA ALA D 89 22.87 0.28 -2.36
C ALA D 89 22.17 0.45 -1.01
N ASN D 90 20.89 0.75 -1.06
CA ASN D 90 20.13 1.03 0.15
C ASN D 90 19.46 -0.17 0.84
N PHE D 91 19.79 -1.37 0.39
CA PHE D 91 19.55 -2.54 1.24
C PHE D 91 20.40 -2.37 2.51
N PRO D 92 19.92 -2.89 3.65
CA PRO D 92 20.60 -2.66 4.94
C PRO D 92 22.06 -3.14 4.97
N GLU D 93 22.85 -2.52 5.83
CA GLU D 93 24.24 -2.92 6.03
C GLU D 93 24.28 -4.43 6.30
N GLY D 94 25.25 -5.11 5.68
CA GLY D 94 25.38 -6.55 5.83
C GLY D 94 24.77 -7.36 4.68
N THR D 95 24.09 -6.66 3.78
CA THR D 95 23.53 -7.30 2.61
C THR D 95 24.66 -7.74 1.69
N PRO D 96 24.55 -8.93 1.09
CA PRO D 96 25.60 -9.36 0.14
C PRO D 96 25.76 -8.41 -1.04
N GLY D 97 26.94 -8.43 -1.67
CA GLY D 97 27.18 -7.62 -2.86
C GLY D 97 27.47 -6.17 -2.54
N LYS D 98 27.46 -5.32 -3.56
CA LYS D 98 27.75 -3.90 -3.34
C LYS D 98 26.79 -3.04 -4.14
N GLY D 99 26.70 -1.77 -3.76
CA GLY D 99 25.75 -0.86 -4.37
C GLY D 99 26.44 0.18 -5.24
N ILE D 100 27.77 0.10 -5.33
CA ILE D 100 28.53 0.99 -6.22
C ILE D 100 29.72 0.23 -6.79
N THR D 101 30.04 0.54 -8.04
CA THR D 101 31.17 -0.08 -8.72
C THR D 101 31.83 0.97 -9.62
N TYR D 102 33.13 0.80 -9.85
CA TYR D 102 33.87 1.73 -10.68
C TYR D 102 34.34 0.99 -11.91
N VAL D 103 33.87 1.43 -13.07
CA VAL D 103 34.24 0.83 -14.36
C VAL D 103 35.29 1.69 -15.05
N LYS D 104 36.38 1.07 -15.47
CA LYS D 104 37.45 1.84 -16.12
C LYS D 104 37.44 1.67 -17.65
N ALA D 105 37.54 2.79 -18.36
CA ALA D 105 37.64 2.82 -19.81
C ALA D 105 38.55 3.96 -20.24
N ASN D 106 39.48 3.65 -21.15
CA ASN D 106 40.45 4.64 -21.60
C ASN D 106 41.20 5.22 -20.42
N GLY D 107 41.09 6.52 -20.24
CA GLY D 107 41.68 7.18 -19.09
C GLY D 107 40.60 7.54 -18.10
N LYS D 108 39.37 7.14 -18.41
CA LYS D 108 38.21 7.53 -17.62
C LYS D 108 37.69 6.39 -16.74
N GLU D 109 37.12 6.79 -15.62
CA GLU D 109 36.48 5.87 -14.71
C GLU D 109 35.05 6.35 -14.49
N LEU D 110 34.09 5.43 -14.55
CA LEU D 110 32.69 5.77 -14.28
C LEU D 110 32.24 5.09 -12.98
N ALA D 111 31.73 5.89 -12.05
CA ALA D 111 31.14 5.35 -10.84
C ALA D 111 29.71 4.97 -11.20
N VAL D 112 29.35 3.71 -10.99
CA VAL D 112 27.99 3.23 -11.26
C VAL D 112 27.29 2.87 -9.96
N ILE D 113 26.20 3.58 -9.64
CA ILE D 113 25.48 3.42 -8.39
C ILE D 113 24.07 2.89 -8.69
N ASN D 114 23.60 1.96 -7.87
CA ASN D 114 22.26 1.40 -8.03
C ASN D 114 21.50 1.73 -6.75
N LEU D 115 20.27 2.23 -6.87
CA LEU D 115 19.45 2.52 -5.69
C LEU D 115 18.04 2.04 -5.94
N GLN D 116 17.26 1.84 -4.88
CA GLN D 116 15.88 1.35 -5.04
C GLN D 116 14.93 2.29 -4.30
N GLY D 117 13.82 2.67 -4.94
CA GLY D 117 12.85 3.53 -4.30
C GLY D 117 12.03 2.78 -3.25
N ARG D 118 11.33 3.54 -2.41
CA ARG D 118 10.54 2.93 -1.33
C ARG D 118 9.04 3.13 -1.49
N THR D 119 8.62 4.09 -2.29
CA THR D 119 7.18 4.27 -2.54
C THR D 119 6.63 3.04 -3.28
N PHE D 120 5.59 2.41 -2.71
CA PHE D 120 5.00 1.18 -3.28
C PHE D 120 5.96 0.00 -3.30
N LEU D 121 7.04 0.09 -2.53
CA LEU D 121 8.07 -0.95 -2.49
C LEU D 121 8.47 -1.23 -1.02
N PRO D 122 9.36 -2.22 -0.79
CA PRO D 122 9.76 -2.52 0.60
C PRO D 122 10.45 -1.35 1.28
N PRO D 123 10.39 -1.28 2.62
CA PRO D 123 11.04 -0.18 3.34
C PRO D 123 12.54 -0.39 3.54
N LEU D 124 13.31 -0.14 2.48
CA LEU D 124 14.75 -0.20 2.58
C LEU D 124 15.22 1.07 3.29
N ASP D 125 16.54 1.23 3.39
CA ASP D 125 17.10 2.48 3.90
C ASP D 125 16.79 3.62 2.92
N ASP D 126 16.82 4.85 3.41
CA ASP D 126 16.49 6.00 2.59
C ASP D 126 17.45 6.15 1.41
N PRO D 127 16.93 6.13 0.17
CA PRO D 127 17.82 6.24 -1.00
C PRO D 127 18.37 7.66 -1.18
N PHE D 128 17.71 8.68 -0.63
CA PHE D 128 18.20 10.05 -0.77
C PHE D 128 19.49 10.25 0.01
N LEU D 129 19.48 9.88 1.28
CA LEU D 129 20.70 9.96 2.08
C LEU D 129 21.78 9.02 1.58
N LYS D 130 21.39 7.84 1.09
CA LYS D 130 22.35 6.90 0.55
C LYS D 130 23.01 7.48 -0.71
N ALA D 131 22.22 8.14 -1.55
CA ALA D 131 22.76 8.82 -2.72
C ALA D 131 23.82 9.84 -2.29
N ASP D 132 23.49 10.63 -1.28
CA ASP D 132 24.44 11.64 -0.77
C ASP D 132 25.77 11.00 -0.37
N GLU D 133 25.67 9.89 0.34
CA GLU D 133 26.84 9.21 0.85
C GLU D 133 27.69 8.68 -0.31
N LEU D 134 27.05 8.02 -1.27
CA LEU D 134 27.79 7.38 -2.35
C LEU D 134 28.32 8.39 -3.36
N ILE D 135 27.59 9.46 -3.60
CA ILE D 135 28.06 10.47 -4.54
C ILE D 135 29.31 11.13 -3.95
N ALA D 136 29.28 11.40 -2.65
CA ALA D 136 30.42 12.01 -1.97
C ALA D 136 31.64 11.10 -2.06
N GLU D 137 31.44 9.79 -1.87
CA GLU D 137 32.51 8.81 -2.05
C GLU D 137 33.04 8.81 -3.47
N ALA D 138 32.13 8.75 -4.43
CA ALA D 138 32.51 8.63 -5.84
C ALA D 138 33.27 9.88 -6.31
N ALA D 139 32.80 11.04 -5.88
CA ALA D 139 33.32 12.30 -6.38
C ALA D 139 34.79 12.52 -6.00
N LYS D 140 35.24 11.85 -4.94
CA LYS D 140 36.65 11.91 -4.55
C LYS D 140 37.51 11.11 -5.52
N ARG D 141 36.88 10.23 -6.28
CA ARG D 141 37.61 9.33 -7.16
C ARG D 141 37.39 9.63 -8.64
N THR D 142 36.20 10.08 -9.01
CA THR D 142 35.90 10.42 -10.40
C THR D 142 34.73 11.40 -10.47
N PRO D 143 34.75 12.30 -11.46
CA PRO D 143 33.63 13.23 -11.62
C PRO D 143 32.52 12.65 -12.47
N TYR D 144 32.72 11.44 -13.00
CA TYR D 144 31.69 10.77 -13.82
C TYR D 144 30.90 9.81 -12.94
N ILE D 145 29.65 10.15 -12.68
CA ILE D 145 28.86 9.44 -11.67
C ILE D 145 27.47 9.15 -12.25
N PHE D 146 27.12 7.86 -12.28
CA PHE D 146 25.89 7.40 -12.91
C PHE D 146 25.00 6.68 -11.88
N ILE D 147 23.72 7.01 -11.83
CA ILE D 147 22.79 6.35 -10.92
C ILE D 147 21.65 5.66 -11.69
N ASP D 148 21.46 4.37 -11.44
CA ASP D 148 20.26 3.66 -11.88
C ASP D 148 19.34 3.53 -10.68
N PHE D 149 18.25 4.29 -10.70
CA PHE D 149 17.30 4.33 -9.57
C PHE D 149 16.09 3.49 -9.94
N HIS D 150 15.95 2.37 -9.24
CA HIS D 150 14.92 1.38 -9.54
C HIS D 150 13.74 1.67 -8.63
N ALA D 151 12.67 2.26 -9.19
CA ALA D 151 11.60 2.77 -8.36
C ALA D 151 10.27 2.78 -9.11
N GLU D 152 9.18 2.83 -8.35
CA GLU D 152 7.84 2.79 -8.93
C GLU D 152 7.26 4.18 -9.15
N ALA D 153 7.36 5.05 -8.14
CA ALA D 153 6.64 6.33 -8.17
C ALA D 153 7.38 7.40 -8.97
N THR D 154 6.67 8.05 -9.89
CA THR D 154 7.30 9.11 -10.69
C THR D 154 7.75 10.25 -9.79
N SER D 155 7.01 10.50 -8.71
CA SER D 155 7.39 11.61 -7.82
C SER D 155 8.74 11.32 -7.18
N GLU D 156 8.96 10.06 -6.79
CA GLU D 156 10.19 9.70 -6.12
C GLU D 156 11.37 9.76 -7.09
N LYS D 157 11.16 9.26 -8.30
CA LYS D 157 12.22 9.30 -9.32
C LYS D 157 12.62 10.74 -9.66
N LEU D 158 11.63 11.59 -9.94
CA LEU D 158 11.94 12.98 -10.24
C LEU D 158 12.59 13.68 -9.06
N ALA D 159 12.14 13.37 -7.85
CA ALA D 159 12.67 14.01 -6.67
C ALA D 159 14.16 13.69 -6.53
N LEU D 160 14.55 12.44 -6.83
CA LEU D 160 15.95 12.07 -6.73
C LEU D 160 16.79 12.74 -7.81
N GLY D 161 16.26 12.81 -9.03
CA GLY D 161 16.96 13.49 -10.12
C GLY D 161 17.25 14.94 -9.76
N TRP D 162 16.22 15.65 -9.36
CA TRP D 162 16.38 17.05 -8.98
C TRP D 162 17.28 17.19 -7.75
N TYR D 163 17.11 16.29 -6.78
CA TYR D 163 17.89 16.38 -5.55
C TYR D 163 19.39 16.28 -5.83
N THR D 164 19.74 15.46 -6.82
CA THR D 164 21.15 15.19 -7.14
C THR D 164 21.67 15.98 -8.33
N ASP D 165 20.87 16.92 -8.84
CA ASP D 165 21.26 17.69 -10.01
C ASP D 165 22.58 18.39 -9.78
N GLY D 166 23.52 18.20 -10.69
CA GLY D 166 24.82 18.85 -10.59
C GLY D 166 25.81 18.05 -9.76
N ARG D 167 25.34 16.97 -9.15
CA ARG D 167 26.20 16.13 -8.32
C ARG D 167 26.40 14.76 -8.95
N ALA D 168 25.31 14.15 -9.44
CA ALA D 168 25.45 12.99 -10.31
C ALA D 168 25.54 13.50 -11.75
N SER D 169 26.24 12.75 -12.60
CA SER D 169 26.32 13.08 -14.02
C SER D 169 25.03 12.70 -14.73
N ALA D 170 24.46 11.57 -14.31
CA ALA D 170 23.22 11.08 -14.91
C ALA D 170 22.42 10.31 -13.87
N VAL D 171 21.10 10.48 -13.92
CA VAL D 171 20.19 9.69 -13.11
C VAL D 171 19.13 9.12 -14.05
N VAL D 172 19.07 7.80 -14.16
CA VAL D 172 18.05 7.16 -15.00
C VAL D 172 17.20 6.25 -14.15
N GLY D 173 15.91 6.23 -14.41
CA GLY D 173 15.00 5.37 -13.68
C GLY D 173 14.77 4.03 -14.37
N THR D 174 14.51 3.00 -13.58
CA THR D 174 14.07 1.71 -14.09
C THR D 174 12.98 1.21 -13.16
N HIS D 175 12.39 0.07 -13.53
CA HIS D 175 11.44 -0.73 -12.75
C HIS D 175 10.04 -0.80 -13.36
N THR D 176 9.54 0.28 -13.98
CA THR D 176 8.15 0.25 -14.45
C THR D 176 7.97 -0.40 -15.83
N HIS D 177 9.09 -0.72 -16.47
CA HIS D 177 9.09 -1.41 -17.76
C HIS D 177 8.37 -0.65 -18.89
N VAL D 178 8.21 0.66 -18.74
CA VAL D 178 7.68 1.49 -19.83
C VAL D 178 8.56 2.73 -19.97
N GLN D 179 9.15 2.93 -21.15
CA GLN D 179 10.02 4.08 -21.35
C GLN D 179 9.25 5.39 -21.29
N THR D 180 9.83 6.39 -20.62
CA THR D 180 9.21 7.71 -20.55
C THR D 180 9.83 8.62 -21.59
N ALA D 181 9.12 9.71 -21.91
CA ALA D 181 9.55 10.62 -22.98
C ALA D 181 10.18 11.88 -22.41
N ASP D 182 10.45 11.89 -21.11
CA ASP D 182 10.87 13.11 -20.43
C ASP D 182 12.38 13.19 -20.25
N ASN D 183 13.12 12.55 -21.14
CA ASN D 183 14.57 12.71 -21.13
C ASN D 183 14.97 14.16 -21.29
N ARG D 184 15.87 14.63 -20.42
CA ARG D 184 16.30 16.02 -20.46
C ARG D 184 17.58 16.20 -19.65
N ILE D 185 18.22 17.34 -19.86
CA ILE D 185 19.34 17.73 -19.01
C ILE D 185 18.82 18.74 -18.00
N LEU D 186 18.93 18.41 -16.73
CA LEU D 186 18.44 19.28 -15.67
C LEU D 186 19.32 20.54 -15.57
N PRO D 187 18.84 21.59 -14.91
CA PRO D 187 19.50 22.90 -15.00
C PRO D 187 20.97 22.90 -14.57
N LYS D 188 21.36 22.06 -13.63
CA LYS D 188 22.75 22.02 -13.18
C LYS D 188 23.59 20.97 -13.91
N GLY D 189 23.05 20.37 -14.97
CA GLY D 189 23.83 19.53 -15.88
C GLY D 189 23.69 18.02 -15.74
N THR D 190 22.72 17.57 -14.95
CA THR D 190 22.50 16.14 -14.80
C THR D 190 21.54 15.60 -15.86
N ALA D 191 21.98 14.60 -16.60
CA ALA D 191 21.07 13.91 -17.53
C ALA D 191 20.05 13.11 -16.73
N TYR D 192 18.79 13.17 -17.17
CA TYR D 192 17.70 12.55 -16.42
C TYR D 192 16.62 11.94 -17.32
N ILE D 193 16.10 10.79 -16.92
CA ILE D 193 14.90 10.21 -17.53
C ILE D 193 14.17 9.41 -16.46
N THR D 194 12.85 9.52 -16.44
CA THR D 194 12.05 8.86 -15.40
C THR D 194 12.06 7.34 -15.48
N ASP D 195 11.94 6.79 -16.69
CA ASP D 195 12.11 5.35 -16.86
C ASP D 195 12.66 5.00 -18.24
N VAL D 196 13.72 4.19 -18.25
CA VAL D 196 14.33 3.82 -19.52
C VAL D 196 13.46 2.81 -20.26
N GLY D 197 12.67 2.05 -19.51
CA GLY D 197 11.82 1.02 -20.12
C GLY D 197 12.40 -0.38 -19.97
N MET D 198 11.88 -1.31 -20.77
CA MET D 198 12.32 -2.71 -20.69
C MET D 198 12.81 -3.25 -22.02
N THR D 199 13.49 -4.39 -21.92
CA THR D 199 14.04 -5.11 -23.05
C THR D 199 13.55 -6.56 -22.92
N GLY D 200 12.72 -6.99 -23.87
CA GLY D 200 12.05 -8.27 -23.77
C GLY D 200 10.80 -8.26 -24.64
N PRO D 201 9.78 -9.01 -24.24
CA PRO D 201 8.57 -9.09 -25.08
C PRO D 201 7.90 -7.72 -25.26
N TYR D 202 7.42 -7.44 -26.47
CA TYR D 202 6.76 -6.19 -26.79
C TYR D 202 5.25 -6.29 -26.61
N ASP D 203 4.71 -7.51 -26.77
CA ASP D 203 3.26 -7.71 -26.76
C ASP D 203 2.76 -8.48 -25.54
N GLY D 204 3.53 -8.43 -24.47
CA GLY D 204 3.03 -8.90 -23.19
C GLY D 204 2.54 -7.73 -22.38
N ILE D 205 2.38 -7.94 -21.08
CA ILE D 205 2.17 -6.82 -20.16
C ILE D 205 3.42 -6.73 -19.28
N LEU D 206 4.26 -5.76 -19.61
CA LEU D 206 5.56 -5.58 -18.96
C LEU D 206 6.42 -6.84 -19.08
N GLY D 207 6.18 -7.58 -20.15
CA GLY D 207 6.96 -8.77 -20.45
C GLY D 207 6.25 -10.06 -20.09
N MET D 208 5.12 -9.97 -19.41
CA MET D 208 4.40 -11.16 -18.96
C MET D 208 3.26 -11.47 -19.90
N ASP D 209 2.90 -12.75 -19.97
CA ASP D 209 1.82 -13.22 -20.83
C ASP D 209 0.54 -12.41 -20.57
N ARG D 210 -0.05 -11.87 -21.62
CA ARG D 210 -1.17 -10.93 -21.45
C ARG D 210 -2.36 -11.56 -20.80
N GLU D 211 -2.68 -12.78 -21.22
CA GLU D 211 -3.89 -13.41 -20.71
C GLU D 211 -3.78 -13.69 -19.22
N THR D 212 -2.59 -14.06 -18.72
CA THR D 212 -2.43 -14.27 -17.31
C THR D 212 -2.61 -12.96 -16.53
N ILE D 213 -2.04 -11.88 -17.02
CA ILE D 213 -2.14 -10.60 -16.28
C ILE D 213 -3.58 -10.09 -16.27
N ILE D 214 -4.23 -10.14 -17.43
CA ILE D 214 -5.63 -9.70 -17.51
C ILE D 214 -6.51 -10.54 -16.58
N LYS D 215 -6.28 -11.84 -16.56
CA LYS D 215 -7.02 -12.73 -15.66
C LYS D 215 -6.85 -12.31 -14.22
N ARG D 216 -5.61 -12.04 -13.82
CA ARG D 216 -5.37 -11.60 -12.45
C ARG D 216 -6.12 -10.32 -12.11
N PHE D 217 -6.12 -9.36 -13.03
CA PHE D 217 -6.85 -8.13 -12.77
C PHE D 217 -8.36 -8.36 -12.65
N LYS D 218 -8.89 -9.25 -13.48
CA LYS D 218 -10.34 -9.45 -13.51
C LYS D 218 -10.86 -10.36 -12.41
N THR D 219 -10.01 -11.26 -11.91
CA THR D 219 -10.49 -12.31 -11.02
C THR D 219 -9.95 -12.20 -9.61
N ASN D 220 -8.79 -11.55 -9.47
CA ASN D 220 -8.10 -11.48 -8.18
C ASN D 220 -7.63 -12.87 -7.72
N LEU D 221 -7.57 -13.81 -8.65
CA LEU D 221 -7.11 -15.18 -8.37
C LEU D 221 -5.65 -15.37 -8.78
N PRO D 222 -4.97 -16.36 -8.21
CA PRO D 222 -3.58 -16.62 -8.63
C PRO D 222 -3.46 -17.01 -10.10
N VAL D 223 -2.36 -16.64 -10.72
CA VAL D 223 -2.07 -17.04 -12.08
C VAL D 223 -0.62 -17.50 -12.15
N ARG D 224 -0.29 -18.31 -13.13
CA ARG D 224 1.09 -18.77 -13.25
C ARG D 224 1.97 -17.63 -13.75
N PHE D 225 3.22 -17.61 -13.28
CA PHE D 225 4.20 -16.64 -13.74
C PHE D 225 4.69 -17.09 -15.11
N THR D 226 4.39 -16.30 -16.15
CA THR D 226 4.69 -16.71 -17.51
C THR D 226 5.20 -15.55 -18.36
N VAL D 227 6.45 -15.63 -18.79
CA VAL D 227 7.01 -14.62 -19.69
C VAL D 227 6.36 -14.73 -21.07
N ALA D 228 6.03 -13.59 -21.67
CA ALA D 228 5.27 -13.56 -22.92
C ALA D 228 6.05 -14.05 -24.15
N GLU D 229 5.35 -14.70 -25.07
CA GLU D 229 5.94 -15.02 -26.37
C GLU D 229 5.68 -13.86 -27.33
N GLY D 230 6.27 -13.91 -28.51
CA GLY D 230 5.94 -12.96 -29.54
C GLY D 230 7.05 -11.98 -29.82
N LYS D 231 6.69 -10.87 -30.46
CA LYS D 231 7.70 -9.91 -30.88
C LYS D 231 8.35 -9.25 -29.68
N THR D 232 9.49 -8.63 -29.92
CA THR D 232 10.32 -8.14 -28.84
C THR D 232 10.69 -6.67 -29.02
N THR D 233 11.26 -6.10 -27.96
CA THR D 233 11.61 -4.70 -27.96
C THR D 233 12.87 -4.53 -27.12
N LEU D 234 13.64 -3.47 -27.42
CA LEU D 234 14.74 -3.07 -26.56
C LEU D 234 14.58 -1.60 -26.21
N SER D 235 14.86 -1.24 -24.96
CA SER D 235 14.77 0.16 -24.54
C SER D 235 16.09 0.58 -23.94
N GLY D 236 16.57 1.76 -24.29
CA GLY D 236 17.82 2.23 -23.70
C GLY D 236 17.96 3.72 -23.79
N VAL D 237 19.08 4.24 -23.29
CA VAL D 237 19.45 5.63 -23.51
C VAL D 237 20.94 5.73 -23.78
N VAL D 238 21.30 6.78 -24.51
CA VAL D 238 22.69 7.12 -24.76
C VAL D 238 22.92 8.53 -24.19
N ILE D 239 23.89 8.64 -23.29
CA ILE D 239 24.12 9.88 -22.58
C ILE D 239 25.53 10.37 -22.85
N ASP D 240 25.65 11.66 -23.21
CA ASP D 240 26.95 12.28 -23.43
C ASP D 240 27.32 13.24 -22.33
N ILE D 241 28.51 13.03 -21.76
CA ILE D 241 29.06 13.91 -20.73
C ILE D 241 30.23 14.69 -21.32
N ASP D 242 30.19 16.02 -21.19
CA ASP D 242 31.30 16.85 -21.67
C ASP D 242 32.51 16.60 -20.79
N ASP D 243 33.63 16.20 -21.39
CA ASP D 243 34.85 15.88 -20.64
C ASP D 243 35.52 17.09 -19.98
N GLN D 244 35.17 18.29 -20.43
CA GLN D 244 35.77 19.47 -19.82
C GLN D 244 34.90 20.05 -18.70
N THR D 245 33.61 20.19 -18.95
CA THR D 245 32.73 20.81 -17.97
C THR D 245 32.14 19.79 -17.01
N LYS D 246 32.21 18.52 -17.40
CA LYS D 246 31.62 17.43 -16.62
C LYS D 246 30.10 17.51 -16.54
N LYS D 247 29.50 18.38 -17.34
CA LYS D 247 28.05 18.43 -17.48
C LYS D 247 27.61 17.43 -18.53
N ALA D 248 26.41 16.86 -18.35
CA ALA D 248 25.82 16.07 -19.43
C ALA D 248 25.32 17.05 -20.50
N VAL D 249 25.49 16.68 -21.77
CA VAL D 249 25.12 17.60 -22.83
C VAL D 249 24.04 17.02 -23.74
N LYS D 250 23.81 15.72 -23.63
CA LYS D 250 22.78 15.07 -24.45
C LYS D 250 22.30 13.79 -23.79
N ILE D 251 21.02 13.52 -23.92
CA ILE D 251 20.47 12.22 -23.56
C ILE D 251 19.45 11.82 -24.61
N GLU D 252 19.76 10.77 -25.35
CA GLU D 252 18.92 10.31 -26.46
C GLU D 252 18.26 8.98 -26.10
N ARG D 253 16.97 8.84 -26.36
CA ARG D 253 16.31 7.56 -26.13
C ARG D 253 16.50 6.57 -27.28
N ILE D 254 16.65 5.31 -26.91
CA ILE D 254 16.68 4.20 -27.85
C ILE D 254 15.42 3.34 -27.69
N LEU D 255 14.71 3.10 -28.78
CA LEU D 255 13.67 2.09 -28.82
C LEU D 255 13.88 1.28 -30.08
N ILE D 256 13.83 -0.04 -29.94
CA ILE D 256 13.94 -0.93 -31.09
C ILE D 256 12.81 -1.92 -31.01
N ASN D 257 11.85 -1.79 -31.91
CA ASN D 257 10.74 -2.73 -32.00
C ASN D 257 10.07 -2.53 -33.35
N ASP D 258 8.94 -3.22 -33.58
CA ASP D 258 8.23 -3.11 -34.85
C ASP D 258 7.80 -1.68 -35.19
N ASP D 259 7.65 -0.85 -34.17
CA ASP D 259 7.21 0.53 -34.36
C ASP D 259 8.38 1.49 -34.43
N HIS D 260 9.58 0.96 -34.17
CA HIS D 260 10.80 1.77 -34.18
C HIS D 260 11.95 0.93 -34.71
N MET D 261 12.03 0.84 -36.03
CA MET D 261 13.02 -0.03 -36.66
C MET D 261 14.43 0.49 -36.37
N PHE D 262 15.37 -0.43 -36.27
CA PHE D 262 16.75 -0.07 -36.03
C PHE D 262 17.51 0.15 -37.33
N PHE D 263 18.23 1.24 -37.40
CA PHE D 263 19.10 1.59 -38.52
C PHE D 263 20.57 1.51 -38.16
N GLU D 264 21.26 0.70 -38.96
CA GLU D 264 22.71 0.53 -39.06
C GLU D 264 23.36 -0.78 -38.59
P PO4 E . -4.49 6.96 13.62
O1 PO4 E . -4.92 7.55 14.95
O2 PO4 E . -5.07 7.74 12.45
O3 PO4 E . -2.97 6.95 13.54
O4 PO4 E . -4.99 5.54 13.55
FE FE2 F . -3.95 6.82 17.27
FE FE2 G . -1.60 6.13 14.92
P PO4 H . -2.50 -14.39 6.49
O1 PO4 H . -2.36 -13.39 7.62
O2 PO4 H . -3.62 -13.96 5.56
O3 PO4 H . -1.19 -14.42 5.72
O4 PO4 H . -2.82 -15.72 7.11
FE FE2 I . -4.99 -16.29 8.42
FE FE2 J . -5.71 -13.88 6.09
P PO4 K . -2.18 13.37 -8.56
O1 PO4 K . -2.01 13.74 -7.08
O2 PO4 K . -2.41 14.59 -9.41
O3 PO4 K . -0.92 12.68 -9.05
O4 PO4 K . -3.38 12.44 -8.70
FE FE2 L . -4.32 11.64 -10.44
FE FE2 M . -3.09 14.42 -11.96
P PO4 N . 9.32 -6.03 -11.65
O1 PO4 N . 10.17 -5.52 -10.52
O2 PO4 N . 8.46 -4.90 -12.19
O3 PO4 N . 10.24 -6.51 -12.77
O4 PO4 N . 8.42 -7.14 -11.16
FE FE2 O . 11.73 -4.04 -10.64
FE FE2 P . 12.11 -5.11 -13.87
#